data_8EVY
#
_entry.id   8EVY
#
_cell.length_a   89.587
_cell.length_b   198.892
_cell.length_c   177.770
_cell.angle_alpha   90.00
_cell.angle_beta   90.00
_cell.angle_gamma   90.00
#
_symmetry.space_group_name_H-M   'C 2 2 21'
#
loop_
_entity.id
_entity.type
_entity.pdbx_description
1 polymer 'D-alanine--D-alanine ligase B'
2 non-polymer D-ALANINE
3 non-polymer 'MAGNESIUM ION'
4 non-polymer "ADENOSINE-5'-TRIPHOSPHATE"
5 non-polymer 'SODIUM ION'
6 water water
#
_entity_poly.entity_id   1
_entity_poly.type   'polypeptide(L)'
_entity_poly.pdbx_seq_one_letter_code
;SMNLCLDSLLNGTQDPKAFGRVAVLFGGKSAEREVSLKSGAMVLQSLLAAGVDAFGIDVGEDLLQRLVEEKIDRAFIILH
GRGGEDGSMQGLLECAGIPYTGSGVLASALAMDKLRTKRVWLSLGLPTPDYAVLASEDDCREAAQRLGFPLIVKPAHEGS
SIGMAKVGGLDELIAAWREAARYDSQVLVEQWISGPEFTVATLRGQVLPAIRLGTPHTFYDYDAKYLASDTRYQVPCGLD
EAKERELKELTARACDALGIQGWGRADVMQDAEGRFWLLEVNTAPGMTDHSLVPMAARAAGLDFQQLVLAILADSREARG
;
_entity_poly.pdbx_strand_id   B,A,C
#
# COMPACT_ATOMS: atom_id res chain seq x y z
N LEU A 4 51.98 39.01 22.16
CA LEU A 4 51.21 39.37 23.33
C LEU A 4 49.84 38.69 23.30
N CYS A 5 49.24 38.61 22.11
CA CYS A 5 47.99 37.88 21.95
C CYS A 5 48.20 36.39 22.14
N LEU A 6 49.27 35.85 21.55
CA LEU A 6 49.59 34.44 21.73
C LEU A 6 49.94 34.13 23.19
N ASP A 7 50.49 35.10 23.91
CA ASP A 7 50.71 34.92 25.35
C ASP A 7 49.39 34.73 26.07
N SER A 8 48.38 35.52 25.72
CA SER A 8 47.08 35.40 26.36
C SER A 8 46.40 34.08 26.02
N LEU A 9 46.70 33.52 24.85
CA LEU A 9 46.12 32.23 24.48
C LEU A 9 46.70 31.09 25.30
N LEU A 10 47.98 31.17 25.68
CA LEU A 10 48.65 30.14 26.46
C LEU A 10 48.66 30.44 27.95
N ASN A 11 47.63 31.15 28.44
CA ASN A 11 47.69 31.74 29.78
C ASN A 11 47.91 30.67 30.86
N GLY A 12 47.02 29.70 30.94
CA GLY A 12 47.13 28.69 31.99
C GLY A 12 47.50 27.32 31.47
N THR A 13 48.39 27.26 30.48
CA THR A 13 48.75 26.01 29.84
C THR A 13 50.08 25.44 30.34
N GLN A 14 50.73 26.11 31.30
CA GLN A 14 52.10 25.78 31.62
C GLN A 14 52.20 24.48 32.41
N ASP A 15 51.25 24.23 33.31
CA ASP A 15 51.30 23.06 34.18
C ASP A 15 50.20 22.08 33.80
N PRO A 16 50.50 21.05 33.01
CA PRO A 16 49.47 20.04 32.70
C PRO A 16 48.93 19.33 33.94
N LYS A 17 49.78 19.09 34.95
CA LYS A 17 49.33 18.45 36.18
C LYS A 17 48.32 19.30 36.94
N ALA A 18 48.28 20.61 36.67
CA ALA A 18 47.38 21.50 37.41
C ALA A 18 45.91 21.25 37.08
N PHE A 19 45.61 20.54 35.99
CA PHE A 19 44.22 20.32 35.62
C PHE A 19 43.58 19.13 36.33
N GLY A 20 44.39 18.25 36.92
CA GLY A 20 43.84 17.09 37.59
C GLY A 20 43.54 15.96 36.61
N ARG A 21 42.56 15.14 36.98
CA ARG A 21 42.14 14.03 36.14
C ARG A 21 41.08 14.52 35.15
N VAL A 22 41.39 14.41 33.86
CA VAL A 22 40.56 14.98 32.80
C VAL A 22 39.89 13.84 32.04
N ALA A 23 38.57 13.90 31.96
CA ALA A 23 37.78 12.93 31.20
C ALA A 23 37.50 13.52 29.82
N VAL A 24 37.99 12.83 28.78
CA VAL A 24 37.71 13.21 27.40
C VAL A 24 36.43 12.48 26.98
N LEU A 25 35.37 13.24 26.76
CA LEU A 25 34.06 12.68 26.41
C LEU A 25 33.92 12.68 24.89
N PHE A 26 33.72 11.49 24.31
CA PHE A 26 33.61 11.34 22.87
C PHE A 26 32.69 10.17 22.57
N GLY A 27 32.51 9.88 21.28
CA GLY A 27 31.66 8.79 20.86
C GLY A 27 30.20 9.19 20.75
N GLY A 28 29.38 8.75 21.71
CA GLY A 28 27.98 9.10 21.72
C GLY A 28 27.18 8.28 20.72
N LYS A 29 25.91 8.66 20.59
CA LYS A 29 24.96 7.96 19.72
C LYS A 29 24.42 8.83 18.60
N SER A 30 25.10 9.93 18.28
CA SER A 30 24.66 10.78 17.18
C SER A 30 25.25 10.27 15.86
N ALA A 31 24.76 10.86 14.77
CA ALA A 31 25.21 10.46 13.43
C ALA A 31 26.69 10.76 13.21
N GLU A 32 27.29 11.67 13.98
CA GLU A 32 28.70 11.97 13.87
C GLU A 32 29.55 11.13 14.82
N ARG A 33 29.05 9.98 15.27
CA ARG A 33 29.79 9.18 16.24
C ARG A 33 31.17 8.80 15.73
N GLU A 34 31.26 8.36 14.47
CA GLU A 34 32.55 7.96 13.93
C GLU A 34 33.52 9.14 13.89
N VAL A 35 33.01 10.34 13.63
CA VAL A 35 33.86 11.52 13.66
C VAL A 35 34.32 11.81 15.08
N SER A 36 33.39 11.73 16.04
CA SER A 36 33.73 12.01 17.44
C SER A 36 34.72 10.99 17.99
N LEU A 37 34.67 9.75 17.51
CA LEU A 37 35.61 8.74 17.98
C LEU A 37 37.04 9.11 17.59
N LYS A 38 37.22 9.68 16.39
CA LYS A 38 38.55 10.08 15.95
C LYS A 38 39.00 11.39 16.58
N SER A 39 38.07 12.32 16.79
CA SER A 39 38.40 13.55 17.50
C SER A 39 38.83 13.25 18.93
N GLY A 40 38.11 12.34 19.61
CA GLY A 40 38.49 11.99 20.97
C GLY A 40 39.84 11.30 21.03
N ALA A 41 40.10 10.39 20.09
CA ALA A 41 41.40 9.73 20.04
C ALA A 41 42.52 10.74 19.85
N MET A 42 42.28 11.77 19.02
CA MET A 42 43.27 12.82 18.84
C MET A 42 43.46 13.62 20.12
N VAL A 43 42.34 14.06 20.73
CA VAL A 43 42.43 14.90 21.92
C VAL A 43 43.04 14.13 23.09
N LEU A 44 42.62 12.87 23.28
CA LEU A 44 43.15 12.07 24.38
C LEU A 44 44.64 11.83 24.23
N GLN A 45 45.07 11.37 23.05
CA GLN A 45 46.49 11.16 22.80
C GLN A 45 47.27 12.45 22.98
N SER A 46 46.70 13.57 22.53
CA SER A 46 47.38 14.86 22.68
C SER A 46 47.54 15.23 24.15
N LEU A 47 46.48 15.07 24.94
CA LEU A 47 46.55 15.39 26.36
C LEU A 47 47.54 14.50 27.09
N LEU A 48 47.59 13.22 26.71
CA LEU A 48 48.50 12.29 27.37
C LEU A 48 49.95 12.62 27.06
N ALA A 49 50.26 12.95 25.80
CA ALA A 49 51.62 13.33 25.44
C ALA A 49 52.03 14.63 26.11
N ALA A 50 51.08 15.49 26.45
CA ALA A 50 51.37 16.73 27.15
C ALA A 50 51.61 16.53 28.63
N GLY A 51 51.37 15.33 29.14
CA GLY A 51 51.53 15.07 30.57
C GLY A 51 50.28 15.30 31.40
N VAL A 52 49.10 15.21 30.79
CA VAL A 52 47.84 15.38 31.49
C VAL A 52 47.34 14.01 31.93
N ASP A 53 46.84 13.93 33.16
CA ASP A 53 46.21 12.72 33.67
C ASP A 53 44.83 12.60 33.02
N ALA A 54 44.82 12.13 31.78
CA ALA A 54 43.62 12.10 30.95
C ALA A 54 43.21 10.67 30.65
N PHE A 55 41.89 10.44 30.67
CA PHE A 55 41.32 9.16 30.25
C PHE A 55 40.09 9.44 29.41
N GLY A 56 39.74 8.47 28.58
CA GLY A 56 38.62 8.61 27.66
C GLY A 56 37.38 7.90 28.17
N ILE A 57 36.23 8.41 27.74
CA ILE A 57 34.93 7.81 28.04
C ILE A 57 34.13 7.78 26.75
N ASP A 58 33.84 6.59 26.24
CA ASP A 58 32.92 6.43 25.11
C ASP A 58 31.50 6.60 25.65
N VAL A 59 30.89 7.74 25.36
CA VAL A 59 29.58 8.07 25.91
C VAL A 59 28.55 7.11 25.35
N GLY A 60 27.86 6.39 26.22
CA GLY A 60 26.81 5.47 25.83
C GLY A 60 25.86 5.27 26.99
N GLU A 61 25.19 4.11 27.01
CA GLU A 61 24.31 3.78 28.12
C GLU A 61 25.07 3.66 29.45
N ASP A 62 26.40 3.74 29.41
CA ASP A 62 27.29 3.56 30.55
C ASP A 62 27.54 4.83 31.34
N LEU A 63 27.11 5.99 30.82
CA LEU A 63 27.70 7.26 31.22
C LEU A 63 27.54 7.54 32.71
N LEU A 64 26.31 7.52 33.21
CA LEU A 64 26.08 7.90 34.61
C LEU A 64 26.79 6.95 35.56
N GLN A 65 26.85 5.66 35.21
CA GLN A 65 27.60 4.71 36.01
C GLN A 65 29.08 5.10 36.08
N ARG A 66 29.63 5.56 34.97
CA ARG A 66 31.04 5.94 34.94
C ARG A 66 31.29 7.24 35.69
N LEU A 67 30.30 8.14 35.73
CA LEU A 67 30.51 9.41 36.42
C LEU A 67 30.52 9.24 37.93
N VAL A 68 29.81 8.24 38.45
CA VAL A 68 29.85 7.98 39.88
C VAL A 68 31.01 7.08 40.28
N GLU A 69 31.58 6.31 39.35
CA GLU A 69 32.75 5.49 39.67
C GLU A 69 34.05 6.30 39.56
N GLU A 70 34.25 6.98 38.44
CA GLU A 70 35.53 7.63 38.15
C GLU A 70 35.64 8.97 38.86
N LYS A 71 36.84 9.29 39.31
CA LYS A 71 37.12 10.64 39.78
C LYS A 71 37.46 11.50 38.57
N ILE A 72 36.84 12.68 38.50
CA ILE A 72 36.98 13.57 37.35
C ILE A 72 37.08 15.00 37.87
N ASP A 73 38.21 15.66 37.63
CA ASP A 73 38.37 17.06 37.98
C ASP A 73 37.87 18.00 36.90
N ARG A 74 37.80 17.54 35.65
CA ARG A 74 37.45 18.38 34.53
C ARG A 74 37.11 17.51 33.34
N ALA A 75 36.11 17.92 32.57
CA ALA A 75 35.64 17.16 31.41
C ALA A 75 35.97 17.90 30.13
N PHE A 76 36.57 17.20 29.18
CA PHE A 76 36.82 17.74 27.84
C PHE A 76 35.75 17.15 26.92
N ILE A 77 34.81 17.99 26.50
CA ILE A 77 33.72 17.56 25.63
C ILE A 77 34.20 17.64 24.19
N ILE A 78 34.28 16.47 23.54
CA ILE A 78 34.61 16.43 22.12
C ILE A 78 33.63 15.49 21.44
N LEU A 79 32.40 15.46 21.96
CA LEU A 79 31.28 14.86 21.25
C LEU A 79 30.81 15.79 20.13
N HIS A 80 30.21 15.21 19.11
CA HIS A 80 29.72 15.98 17.97
C HIS A 80 28.24 15.67 17.74
N GLY A 81 27.43 16.72 17.62
CA GLY A 81 26.03 16.56 17.31
C GLY A 81 25.16 16.50 18.55
N ARG A 82 23.91 16.07 18.33
CA ARG A 82 22.95 15.99 19.42
C ARG A 82 23.41 14.99 20.48
N GLY A 83 23.07 15.29 21.73
CA GLY A 83 23.60 14.56 22.86
C GLY A 83 24.99 15.00 23.29
N GLY A 84 25.62 15.91 22.56
CA GLY A 84 26.95 16.37 22.88
C GLY A 84 27.12 17.88 22.78
N GLU A 85 26.70 18.47 21.66
CA GLU A 85 26.81 19.91 21.42
C GLU A 85 25.52 20.67 21.66
N ASP A 86 24.45 20.01 22.12
CA ASP A 86 23.14 20.64 22.18
C ASP A 86 22.75 21.08 23.58
N GLY A 87 23.72 21.21 24.49
CA GLY A 87 23.43 21.60 25.86
C GLY A 87 23.04 20.47 26.78
N SER A 88 22.70 19.30 26.26
CA SER A 88 22.25 18.20 27.12
C SER A 88 23.41 17.66 27.95
N MET A 89 24.52 17.34 27.30
CA MET A 89 25.71 16.91 28.04
C MET A 89 26.22 18.02 28.95
N GLN A 90 26.11 19.27 28.49
CA GLN A 90 26.55 20.38 29.32
C GLN A 90 25.72 20.49 30.60
N GLY A 91 24.40 20.26 30.50
CA GLY A 91 23.56 20.32 31.68
C GLY A 91 23.82 19.17 32.64
N LEU A 92 24.11 17.98 32.09
CA LEU A 92 24.44 16.84 32.94
C LEU A 92 25.68 17.11 33.76
N LEU A 93 26.71 17.67 33.13
CA LEU A 93 27.96 17.94 33.83
C LEU A 93 27.80 19.02 34.89
N GLU A 94 26.89 19.97 34.67
CA GLU A 94 26.64 20.99 35.69
C GLU A 94 25.91 20.41 36.89
N CYS A 95 24.92 19.54 36.64
CA CYS A 95 24.26 18.86 37.75
C CYS A 95 25.24 18.00 38.54
N ALA A 96 26.17 17.35 37.84
CA ALA A 96 27.20 16.54 38.47
C ALA A 96 28.32 17.39 39.10
N GLY A 97 28.27 18.70 38.94
CA GLY A 97 29.28 19.56 39.54
C GLY A 97 30.65 19.46 38.90
N ILE A 98 30.74 19.00 37.66
CA ILE A 98 32.02 18.81 36.97
C ILE A 98 32.21 19.98 36.02
N PRO A 99 33.29 20.75 36.15
CA PRO A 99 33.59 21.78 35.14
C PRO A 99 33.96 21.15 33.81
N TYR A 100 33.68 21.88 32.73
CA TYR A 100 33.82 21.34 31.39
C TYR A 100 34.26 22.44 30.44
N THR A 101 34.68 22.02 29.25
CA THR A 101 35.16 22.91 28.20
C THR A 101 34.01 23.35 27.30
N GLY A 102 34.19 24.50 26.66
CA GLY A 102 33.28 24.95 25.63
C GLY A 102 32.10 25.74 26.15
N SER A 103 31.15 25.96 25.24
CA SER A 103 30.01 26.82 25.53
C SER A 103 29.07 26.15 26.53
N GLY A 104 28.31 26.99 27.24
CA GLY A 104 27.40 26.53 28.28
C GLY A 104 26.14 25.89 27.70
N VAL A 105 25.13 25.78 28.57
CA VAL A 105 23.92 25.06 28.20
C VAL A 105 23.11 25.83 27.16
N LEU A 106 22.88 27.13 27.41
CA LEU A 106 22.06 27.92 26.50
C LEU A 106 22.74 28.11 25.15
N ALA A 107 24.05 28.42 25.17
CA ALA A 107 24.75 28.65 23.91
C ALA A 107 24.83 27.38 23.07
N SER A 108 25.15 26.25 23.69
CA SER A 108 25.26 25.00 22.94
C SER A 108 23.92 24.60 22.33
N ALA A 109 22.85 24.68 23.12
CA ALA A 109 21.53 24.30 22.61
C ALA A 109 21.11 25.22 21.46
N LEU A 110 21.43 26.50 21.57
CA LEU A 110 21.07 27.46 20.52
C LEU A 110 21.89 27.24 19.26
N ALA A 111 23.20 27.05 19.40
CA ALA A 111 24.06 26.88 18.23
C ALA A 111 23.85 25.55 17.53
N MET A 112 23.34 24.53 18.23
CA MET A 112 23.03 23.27 17.56
C MET A 112 21.84 23.43 16.62
N ASP A 113 20.94 24.36 16.93
CA ASP A 113 19.71 24.57 16.15
C ASP A 113 20.01 25.61 15.07
N LYS A 114 20.16 25.16 13.83
CA LYS A 114 20.48 26.09 12.75
C LYS A 114 19.36 27.08 12.50
N LEU A 115 18.11 26.66 12.70
CA LEU A 115 16.99 27.59 12.54
C LEU A 115 17.01 28.68 13.60
N ARG A 116 17.17 28.30 14.87
CA ARG A 116 17.22 29.30 15.94
C ARG A 116 18.45 30.19 15.80
N THR A 117 19.58 29.61 15.37
CA THR A 117 20.80 30.38 15.18
C THR A 117 20.60 31.45 14.11
N LYS A 118 20.10 31.05 12.93
CA LYS A 118 19.84 32.02 11.87
C LYS A 118 18.82 33.05 12.30
N ARG A 119 17.83 32.64 13.07
CA ARG A 119 16.79 33.56 13.53
C ARG A 119 17.35 34.62 14.46
N VAL A 120 18.30 34.24 15.32
CA VAL A 120 18.95 35.22 16.18
C VAL A 120 19.79 36.19 15.35
N TRP A 121 20.55 35.66 14.39
CA TRP A 121 21.38 36.52 13.55
C TRP A 121 20.54 37.54 12.80
N LEU A 122 19.37 37.14 12.32
CA LEU A 122 18.52 38.05 11.54
C LEU A 122 18.01 39.20 12.39
N SER A 123 17.66 38.93 13.65
CA SER A 123 17.18 39.99 14.53
C SER A 123 18.27 41.01 14.83
N LEU A 124 19.55 40.64 14.67
CA LEU A 124 20.65 41.56 14.89
C LEU A 124 21.17 42.18 13.61
N GLY A 125 20.56 41.88 12.47
CA GLY A 125 21.03 42.42 11.21
C GLY A 125 22.29 41.77 10.67
N LEU A 126 22.63 40.57 11.13
CA LEU A 126 23.78 39.86 10.60
C LEU A 126 23.36 39.04 9.38
N PRO A 127 24.25 38.90 8.38
CA PRO A 127 23.87 38.24 7.13
C PRO A 127 23.88 36.72 7.26
N THR A 128 22.79 36.09 6.80
CA THR A 128 22.67 34.63 6.74
C THR A 128 21.69 34.35 5.61
N PRO A 129 21.90 33.28 4.85
CA PRO A 129 21.13 33.09 3.60
C PRO A 129 19.63 32.99 3.85
N ASP A 130 18.86 33.57 2.93
CA ASP A 130 17.41 33.44 2.97
C ASP A 130 17.01 31.97 2.89
N TYR A 131 15.95 31.61 3.60
CA TYR A 131 15.68 30.20 3.87
C TYR A 131 14.18 29.94 3.93
N ALA A 132 13.83 28.66 4.05
CA ALA A 132 12.47 28.23 4.31
C ALA A 132 12.52 26.97 5.17
N VAL A 133 11.39 26.64 5.79
CA VAL A 133 11.25 25.43 6.59
C VAL A 133 10.38 24.45 5.81
N LEU A 134 10.88 23.21 5.67
CA LEU A 134 10.23 22.21 4.83
C LEU A 134 9.64 21.11 5.69
N ALA A 135 8.31 20.93 5.60
CA ALA A 135 7.63 19.80 6.22
C ALA A 135 6.55 19.25 5.30
N SER A 136 6.66 19.50 4.00
CA SER A 136 5.60 19.21 3.05
C SER A 136 6.14 19.36 1.64
N GLU A 137 5.52 18.67 0.68
CA GLU A 137 5.88 18.88 -0.71
C GLU A 137 5.37 20.22 -1.22
N ASP A 138 4.27 20.71 -0.64
CA ASP A 138 3.84 22.08 -0.93
C ASP A 138 4.85 23.09 -0.40
N ASP A 139 5.43 22.82 0.78
CA ASP A 139 6.48 23.69 1.29
C ASP A 139 7.67 23.73 0.35
N CYS A 140 8.01 22.58 -0.25
CA CYS A 140 9.08 22.55 -1.23
C CYS A 140 8.75 23.42 -2.44
N ARG A 141 7.48 23.43 -2.85
CA ARG A 141 7.08 24.26 -3.99
C ARG A 141 7.11 25.73 -3.65
N GLU A 142 6.62 26.10 -2.46
CA GLU A 142 6.65 27.51 -2.05
C GLU A 142 8.09 28.01 -1.91
N ALA A 143 8.96 27.19 -1.30
CA ALA A 143 10.35 27.59 -1.16
C ALA A 143 11.02 27.78 -2.52
N ALA A 144 10.69 26.90 -3.48
CA ALA A 144 11.22 27.05 -4.82
C ALA A 144 10.72 28.33 -5.49
N GLN A 145 9.43 28.62 -5.35
CA GLN A 145 8.88 29.82 -6.00
C GLN A 145 9.46 31.10 -5.41
N ARG A 146 9.75 31.10 -4.11
CA ARG A 146 10.21 32.31 -3.44
C ARG A 146 11.73 32.47 -3.53
N LEU A 147 12.48 31.36 -3.46
CA LEU A 147 13.93 31.41 -3.38
C LEU A 147 14.64 31.00 -4.66
N GLY A 148 13.96 30.31 -5.57
CA GLY A 148 14.63 29.92 -6.80
C GLY A 148 15.61 28.78 -6.58
N PHE A 149 16.45 28.57 -7.57
CA PHE A 149 17.43 27.49 -7.55
C PHE A 149 18.81 28.03 -7.90
N PRO A 150 19.88 27.38 -7.42
CA PRO A 150 19.87 26.14 -6.64
C PRO A 150 19.65 26.40 -5.16
N LEU A 151 19.38 25.33 -4.43
CA LEU A 151 19.13 25.39 -3.00
C LEU A 151 19.99 24.34 -2.32
N ILE A 152 20.12 24.47 -0.99
CA ILE A 152 20.84 23.50 -0.20
C ILE A 152 19.97 23.11 0.99
N VAL A 153 19.71 21.82 1.14
CA VAL A 153 18.82 21.29 2.16
C VAL A 153 19.67 20.73 3.30
N LYS A 154 19.24 20.97 4.53
CA LYS A 154 19.99 20.49 5.67
C LYS A 154 19.04 20.24 6.83
N PRO A 155 19.25 19.19 7.61
CA PRO A 155 18.55 19.08 8.89
C PRO A 155 18.96 20.22 9.81
N ALA A 156 18.05 20.61 10.70
CA ALA A 156 18.34 21.75 11.55
C ALA A 156 19.39 21.43 12.61
N HIS A 157 19.56 20.16 13.00
CA HIS A 157 20.37 19.82 14.15
C HIS A 157 21.52 18.86 13.84
N GLU A 158 21.94 18.75 12.58
CA GLU A 158 22.98 17.79 12.24
C GLU A 158 24.34 18.49 12.09
N GLY A 159 25.34 17.71 11.71
CA GLY A 159 26.68 18.21 11.45
C GLY A 159 27.38 17.31 10.45
N SER A 160 28.61 17.68 10.11
CA SER A 160 29.44 16.91 9.18
C SER A 160 28.75 16.70 7.83
N SER A 161 27.94 17.69 7.41
CA SER A 161 27.20 17.65 6.15
C SER A 161 26.29 16.43 6.03
N ILE A 162 25.91 15.84 7.16
CA ILE A 162 25.06 14.65 7.16
C ILE A 162 23.63 15.06 6.84
N GLY A 163 22.99 14.33 5.92
CA GLY A 163 21.65 14.63 5.50
C GLY A 163 21.51 15.86 4.64
N MET A 164 22.60 16.38 4.08
CA MET A 164 22.60 17.60 3.30
C MET A 164 22.71 17.29 1.81
N ALA A 165 22.16 18.19 0.99
CA ALA A 165 22.23 18.02 -0.46
C ALA A 165 22.02 19.37 -1.12
N LYS A 166 22.84 19.66 -2.13
CA LYS A 166 22.58 20.77 -3.02
C LYS A 166 21.62 20.32 -4.11
N VAL A 167 20.54 21.06 -4.30
CA VAL A 167 19.48 20.67 -5.23
C VAL A 167 19.33 21.76 -6.29
N GLY A 168 19.09 21.34 -7.53
CA GLY A 168 19.00 22.26 -8.64
C GLY A 168 17.61 22.38 -9.22
N GLY A 169 16.69 21.55 -8.74
CA GLY A 169 15.33 21.57 -9.23
C GLY A 169 14.37 21.01 -8.19
N LEU A 170 13.09 21.05 -8.53
CA LEU A 170 12.06 20.58 -7.60
C LEU A 170 12.14 19.09 -7.37
N ASP A 171 12.63 18.33 -8.35
CA ASP A 171 12.71 16.88 -8.20
C ASP A 171 13.67 16.49 -7.09
N GLU A 172 14.91 16.99 -7.14
CA GLU A 172 15.86 16.63 -6.11
C GLU A 172 15.65 17.43 -4.82
N LEU A 173 14.96 18.58 -4.89
CA LEU A 173 14.57 19.28 -3.67
C LEU A 173 13.68 18.40 -2.80
N ILE A 174 12.67 17.78 -3.40
CA ILE A 174 11.74 16.96 -2.62
C ILE A 174 12.43 15.70 -2.12
N ALA A 175 13.33 15.12 -2.93
CA ALA A 175 14.06 13.94 -2.47
C ALA A 175 15.02 14.29 -1.34
N ALA A 176 15.66 15.46 -1.42
CA ALA A 176 16.57 15.88 -0.35
C ALA A 176 15.80 16.23 0.92
N TRP A 177 14.59 16.76 0.81
CA TRP A 177 13.78 17.02 2.00
C TRP A 177 13.43 15.73 2.71
N ARG A 178 13.00 14.72 1.95
CA ARG A 178 12.66 13.43 2.57
C ARG A 178 13.87 12.78 3.23
N GLU A 179 15.05 12.96 2.64
CA GLU A 179 16.25 12.36 3.21
C GLU A 179 16.66 13.07 4.49
N ALA A 180 16.65 14.41 4.48
CA ALA A 180 16.98 15.17 5.69
C ALA A 180 15.97 14.91 6.80
N ALA A 181 14.71 14.62 6.44
CA ALA A 181 13.70 14.39 7.45
C ALA A 181 13.90 13.06 8.18
N ARG A 182 14.72 12.17 7.64
CA ARG A 182 15.08 10.96 8.38
C ARG A 182 16.05 11.25 9.53
N TYR A 183 16.69 12.42 9.53
CA TYR A 183 17.55 12.82 10.62
C TYR A 183 16.90 13.81 11.57
N ASP A 184 15.89 14.55 11.11
CA ASP A 184 15.33 15.66 11.87
C ASP A 184 14.01 16.06 11.25
N SER A 185 12.94 16.06 12.05
CA SER A 185 11.69 16.65 11.59
C SER A 185 11.84 18.13 11.27
N GLN A 186 12.92 18.77 11.75
CA GLN A 186 13.20 20.17 11.44
C GLN A 186 14.11 20.21 10.23
N VAL A 187 13.55 20.54 9.08
CA VAL A 187 14.30 20.63 7.83
C VAL A 187 14.22 22.07 7.34
N LEU A 188 15.39 22.66 7.07
CA LEU A 188 15.44 23.96 6.44
C LEU A 188 16.16 23.85 5.10
N VAL A 189 15.83 24.78 4.20
CA VAL A 189 16.48 24.88 2.90
C VAL A 189 16.95 26.32 2.75
N GLU A 190 18.19 26.50 2.30
CA GLU A 190 18.80 27.81 2.16
C GLU A 190 19.04 28.14 0.69
N GLN A 191 19.09 29.44 0.41
CA GLN A 191 19.55 29.89 -0.90
C GLN A 191 21.02 29.56 -1.07
N TRP A 192 21.36 28.99 -2.22
CA TRP A 192 22.74 28.59 -2.50
C TRP A 192 23.60 29.83 -2.71
N ILE A 193 24.67 29.95 -1.93
CA ILE A 193 25.65 31.02 -2.09
C ILE A 193 26.76 30.48 -2.97
N SER A 194 26.95 31.10 -4.14
CA SER A 194 27.96 30.69 -5.10
C SER A 194 29.19 31.59 -4.93
N GLY A 195 30.29 30.99 -4.47
CA GLY A 195 31.52 31.72 -4.28
C GLY A 195 32.43 31.04 -3.28
N PRO A 196 33.53 31.70 -2.92
CA PRO A 196 34.50 31.08 -2.01
C PRO A 196 33.89 30.76 -0.66
N GLU A 197 34.36 29.67 -0.07
CA GLU A 197 33.94 29.23 1.25
C GLU A 197 35.07 29.44 2.24
N PHE A 198 34.75 30.03 3.39
CA PHE A 198 35.70 30.24 4.46
C PHE A 198 35.21 29.56 5.74
N THR A 199 36.15 29.29 6.63
CA THR A 199 35.82 28.84 7.98
C THR A 199 36.73 29.57 8.96
N VAL A 200 36.16 30.03 10.07
CA VAL A 200 36.83 30.93 11.00
C VAL A 200 36.74 30.33 12.39
N ALA A 201 37.87 29.93 12.95
CA ALA A 201 37.92 29.39 14.29
C ALA A 201 38.14 30.50 15.31
N THR A 202 37.50 30.38 16.47
CA THR A 202 37.69 31.31 17.57
C THR A 202 38.15 30.53 18.80
N LEU A 203 39.08 31.12 19.55
CA LEU A 203 39.64 30.48 20.74
C LEU A 203 39.82 31.52 21.82
N ARG A 204 39.15 31.32 22.95
CA ARG A 204 39.27 32.18 24.13
C ARG A 204 39.02 33.65 23.76
N GLY A 205 37.96 33.88 23.00
CA GLY A 205 37.58 35.22 22.60
C GLY A 205 38.44 35.85 21.53
N GLN A 206 39.44 35.14 21.02
CA GLN A 206 40.28 35.63 19.93
C GLN A 206 39.89 34.91 18.64
N VAL A 207 39.91 35.65 17.54
CA VAL A 207 39.53 35.13 16.23
C VAL A 207 40.80 34.70 15.49
N LEU A 208 40.88 33.42 15.16
CA LEU A 208 42.08 32.85 14.54
C LEU A 208 42.08 33.15 13.04
N PRO A 209 43.21 32.88 12.36
CA PRO A 209 43.25 33.09 10.90
C PRO A 209 42.18 32.30 10.18
N ALA A 210 41.60 32.93 9.14
CA ALA A 210 40.57 32.30 8.34
C ALA A 210 41.18 31.30 7.37
N ILE A 211 40.39 30.27 7.04
CA ILE A 211 40.81 29.21 6.13
C ILE A 211 39.81 29.17 4.97
N ARG A 212 40.31 29.22 3.75
CA ARG A 212 39.46 29.04 2.57
C ARG A 212 39.45 27.56 2.16
N LEU A 213 38.25 27.06 1.85
CA LEU A 213 38.03 25.65 1.60
C LEU A 213 37.59 25.43 0.17
N GLY A 214 38.14 24.40 -0.48
CA GLY A 214 37.79 24.07 -1.84
C GLY A 214 37.75 22.57 -2.09
N THR A 215 36.78 22.13 -2.88
CA THR A 215 36.64 20.71 -3.21
C THR A 215 35.99 20.59 -4.58
N PRO A 216 36.37 19.59 -5.37
CA PRO A 216 35.68 19.34 -6.65
C PRO A 216 34.29 18.74 -6.48
N HIS A 217 33.87 18.42 -5.25
CA HIS A 217 32.51 17.96 -5.03
C HIS A 217 31.53 19.12 -5.19
N THR A 218 30.24 18.78 -5.27
CA THR A 218 29.22 19.82 -5.42
C THR A 218 29.20 20.76 -4.23
N PHE A 219 29.60 20.28 -3.04
CA PHE A 219 29.77 21.12 -1.87
C PHE A 219 30.69 20.41 -0.90
N TYR A 220 30.96 21.07 0.24
CA TYR A 220 31.84 20.55 1.28
C TYR A 220 31.08 19.48 2.06
N ASP A 221 30.98 18.28 1.46
CA ASP A 221 30.18 17.22 2.03
C ASP A 221 31.01 16.32 2.94
N TYR A 222 30.34 15.32 3.52
CA TYR A 222 31.00 14.39 4.44
C TYR A 222 32.24 13.77 3.81
N ASP A 223 32.14 13.38 2.54
CA ASP A 223 33.28 12.74 1.87
C ASP A 223 34.45 13.71 1.76
N ALA A 224 34.20 14.94 1.31
CA ALA A 224 35.27 15.92 1.17
C ALA A 224 35.88 16.27 2.52
N LYS A 225 35.08 16.21 3.59
CA LYS A 225 35.57 16.59 4.91
C LYS A 225 36.49 15.53 5.51
N TYR A 226 36.17 14.25 5.30
CA TYR A 226 36.79 13.17 6.06
C TYR A 226 37.45 12.07 5.25
N LEU A 227 37.08 11.89 3.98
CA LEU A 227 37.55 10.74 3.21
C LEU A 227 38.37 11.09 1.97
N ALA A 228 38.14 12.25 1.36
CA ALA A 228 38.74 12.56 0.08
C ALA A 228 40.17 13.08 0.24
N SER A 229 40.92 13.04 -0.86
CA SER A 229 42.30 13.50 -0.90
C SER A 229 42.46 14.83 -1.63
N ASP A 230 41.46 15.29 -2.38
CA ASP A 230 41.58 16.48 -3.20
C ASP A 230 40.88 17.69 -2.60
N THR A 231 40.62 17.68 -1.29
CA THR A 231 40.08 18.86 -0.63
C THR A 231 41.20 19.87 -0.40
N ARG A 232 40.91 21.14 -0.70
CA ARG A 232 41.92 22.19 -0.70
C ARG A 232 41.72 23.10 0.51
N TYR A 233 42.80 23.30 1.27
CA TYR A 233 42.83 24.18 2.43
C TYR A 233 43.87 25.27 2.19
N GLN A 234 43.47 26.53 2.36
CA GLN A 234 44.34 27.66 2.06
C GLN A 234 44.38 28.60 3.26
N VAL A 235 45.53 28.69 3.90
CA VAL A 235 45.76 29.73 4.92
C VAL A 235 47.18 30.27 4.69
N PRO A 236 47.34 31.59 4.53
CA PRO A 236 46.30 32.64 4.60
C PRO A 236 45.29 32.57 3.45
N CYS A 237 44.04 32.88 3.75
CA CYS A 237 43.04 32.97 2.69
C CYS A 237 43.38 34.14 1.77
N GLY A 238 42.92 34.04 0.52
CA GLY A 238 43.24 35.05 -0.47
C GLY A 238 42.72 36.45 -0.18
N LEU A 239 42.01 36.65 0.93
CA LEU A 239 41.43 37.96 1.22
C LEU A 239 42.51 38.98 1.53
N ASP A 240 42.21 40.24 1.26
CA ASP A 240 43.09 41.32 1.67
C ASP A 240 42.84 41.67 3.14
N GLU A 241 43.71 42.52 3.69
CA GLU A 241 43.64 42.82 5.12
C GLU A 241 42.29 43.39 5.50
N ALA A 242 41.74 44.30 4.69
CA ALA A 242 40.44 44.89 5.00
C ALA A 242 39.34 43.83 4.94
N LYS A 243 39.43 42.90 3.98
CA LYS A 243 38.38 41.92 3.81
C LYS A 243 38.46 40.82 4.88
N GLU A 244 39.67 40.37 5.20
CA GLU A 244 39.81 39.36 6.25
C GLU A 244 39.47 39.92 7.61
N ARG A 245 39.78 41.19 7.86
CA ARG A 245 39.38 41.82 9.11
C ARG A 245 37.86 41.90 9.20
N GLU A 246 37.20 42.26 8.09
CA GLU A 246 35.74 42.25 8.05
C GLU A 246 35.18 40.88 8.38
N LEU A 247 35.79 39.83 7.82
CA LEU A 247 35.31 38.47 8.09
C LEU A 247 35.51 38.08 9.55
N LYS A 248 36.62 38.52 10.15
CA LYS A 248 36.88 38.16 11.54
C LYS A 248 35.96 38.90 12.50
N GLU A 249 35.69 40.18 12.23
CA GLU A 249 34.75 40.92 13.07
C GLU A 249 33.33 40.39 12.92
N LEU A 250 32.98 39.91 11.73
CA LEU A 250 31.67 39.26 11.56
C LEU A 250 31.60 37.96 12.34
N THR A 251 32.69 37.20 12.38
CA THR A 251 32.72 35.96 13.15
C THR A 251 32.56 36.23 14.64
N ALA A 252 33.24 37.25 15.16
CA ALA A 252 33.13 37.58 16.58
C ALA A 252 31.70 37.97 16.94
N ARG A 253 31.07 38.81 16.11
CA ARG A 253 29.70 39.20 16.37
C ARG A 253 28.75 38.02 16.27
N ALA A 254 28.96 37.14 15.29
CA ALA A 254 28.08 35.99 15.13
C ALA A 254 28.21 35.02 16.30
N CYS A 255 29.43 34.89 16.85
CA CYS A 255 29.63 34.01 18.01
C CYS A 255 29.11 34.65 19.29
N ASP A 256 29.37 35.95 19.48
CA ASP A 256 28.85 36.61 20.67
C ASP A 256 27.33 36.68 20.66
N ALA A 257 26.73 36.71 19.46
CA ALA A 257 25.27 36.72 19.37
C ALA A 257 24.66 35.48 20.01
N LEU A 258 25.34 34.35 19.95
CA LEU A 258 24.85 33.09 20.49
C LEU A 258 25.42 32.78 21.88
N GLY A 259 26.42 33.52 22.34
CA GLY A 259 27.02 33.27 23.63
C GLY A 259 28.12 32.24 23.65
N ILE A 260 28.83 32.05 22.52
CA ILE A 260 29.88 31.04 22.45
C ILE A 260 30.99 31.37 23.43
N GLN A 261 31.55 30.32 24.07
CA GLN A 261 32.61 30.48 25.04
C GLN A 261 33.68 29.43 24.82
N GLY A 262 34.90 29.75 25.23
CA GLY A 262 35.99 28.81 25.14
C GLY A 262 36.56 28.66 23.73
N TRP A 263 35.77 28.10 22.83
CA TRP A 263 36.20 27.94 21.45
C TRP A 263 34.99 27.66 20.58
N GLY A 264 35.22 27.61 19.28
CA GLY A 264 34.15 27.39 18.32
C GLY A 264 34.66 27.68 16.92
N ARG A 265 33.80 27.36 15.95
CA ARG A 265 34.15 27.55 14.54
C ARG A 265 32.93 28.00 13.77
N ALA A 266 33.10 29.03 12.94
CA ALA A 266 32.04 29.56 12.10
C ALA A 266 32.32 29.24 10.64
N ASP A 267 31.27 28.89 9.90
CA ASP A 267 31.36 28.57 8.48
C ASP A 267 30.65 29.65 7.69
N VAL A 268 31.40 30.32 6.81
CA VAL A 268 30.93 31.53 6.13
C VAL A 268 31.15 31.39 4.63
N MET A 269 30.16 31.79 3.85
CA MET A 269 30.26 31.85 2.40
C MET A 269 30.42 33.29 1.94
N GLN A 270 31.02 33.45 0.75
CA GLN A 270 31.14 34.76 0.10
C GLN A 270 30.56 34.67 -1.30
N ASP A 271 29.76 35.67 -1.69
CA ASP A 271 29.10 35.64 -2.98
C ASP A 271 29.91 36.42 -4.01
N ALA A 272 29.37 36.50 -5.23
CA ALA A 272 30.07 37.14 -6.34
C ALA A 272 30.30 38.62 -6.12
N GLU A 273 29.56 39.25 -5.20
CA GLU A 273 29.71 40.68 -4.93
C GLU A 273 30.43 40.94 -3.62
N GLY A 274 31.21 39.97 -3.13
CA GLY A 274 32.02 40.16 -1.95
C GLY A 274 31.30 40.02 -0.63
N ARG A 275 29.97 39.89 -0.62
CA ARG A 275 29.23 39.82 0.63
C ARG A 275 29.48 38.49 1.33
N PHE A 276 29.58 38.54 2.66
CA PHE A 276 29.72 37.34 3.48
C PHE A 276 28.35 36.90 3.98
N TRP A 277 28.18 35.58 4.11
CA TRP A 277 26.92 35.00 4.58
C TRP A 277 27.24 33.93 5.61
N LEU A 278 26.67 34.08 6.81
CA LEU A 278 26.92 33.15 7.90
C LEU A 278 26.07 31.90 7.73
N LEU A 279 26.70 30.73 7.79
CA LEU A 279 25.98 29.46 7.69
C LEU A 279 25.62 28.91 9.07
N GLU A 280 26.62 28.66 9.91
CA GLU A 280 26.40 28.05 11.22
C GLU A 280 27.63 28.22 12.08
N VAL A 281 27.48 27.89 13.35
CA VAL A 281 28.57 27.89 14.33
C VAL A 281 28.59 26.54 15.03
N ASN A 282 29.78 25.96 15.18
CA ASN A 282 29.97 24.72 15.90
C ASN A 282 30.61 25.02 17.25
N THR A 283 30.04 24.44 18.32
CA THR A 283 30.53 24.67 19.68
C THR A 283 31.46 23.59 20.18
N ALA A 284 31.59 22.46 19.48
CA ALA A 284 32.62 21.46 19.75
C ALA A 284 33.16 20.95 18.43
N PRO A 285 33.93 21.79 17.73
CA PRO A 285 34.36 21.45 16.36
C PRO A 285 35.19 20.17 16.34
N GLY A 286 35.21 19.55 15.16
CA GLY A 286 36.00 18.34 15.00
C GLY A 286 37.47 18.60 15.26
N MET A 287 38.14 17.58 15.81
CA MET A 287 39.56 17.64 16.13
C MET A 287 40.32 16.48 15.50
N THR A 288 39.82 15.97 14.38
CA THR A 288 40.53 14.92 13.66
C THR A 288 41.76 15.49 12.96
N ASP A 289 42.54 14.61 12.36
CA ASP A 289 43.68 15.05 11.57
C ASP A 289 43.27 15.62 10.22
N HIS A 290 41.98 15.54 9.87
CA HIS A 290 41.41 16.27 8.75
C HIS A 290 40.75 17.57 9.16
N SER A 291 40.69 17.86 10.46
CA SER A 291 39.80 18.92 10.95
C SER A 291 40.44 20.30 10.78
N LEU A 292 39.59 21.32 10.95
CA LEU A 292 39.89 22.69 10.56
C LEU A 292 40.42 23.55 11.70
N VAL A 293 39.85 23.45 12.90
CA VAL A 293 40.36 24.24 14.04
C VAL A 293 41.84 23.96 14.28
N PRO A 294 42.35 22.73 14.21
CA PRO A 294 43.82 22.57 14.32
C PRO A 294 44.59 23.30 13.24
N MET A 295 44.09 23.34 12.01
CA MET A 295 44.75 24.12 10.96
C MET A 295 44.80 25.61 11.30
N ALA A 296 43.69 26.14 11.81
CA ALA A 296 43.65 27.56 12.18
C ALA A 296 44.58 27.84 13.36
N ALA A 297 44.70 26.90 14.29
CA ALA A 297 45.57 27.10 15.44
C ALA A 297 47.03 27.14 15.02
N ARG A 298 47.44 26.25 14.11
CA ARG A 298 48.81 26.26 13.62
C ARG A 298 49.14 27.60 12.95
N ALA A 299 48.21 28.13 12.17
CA ALA A 299 48.43 29.43 11.53
C ALA A 299 48.66 30.52 12.56
N ALA A 300 48.01 30.41 13.72
CA ALA A 300 48.25 31.37 14.80
C ALA A 300 49.53 31.08 15.58
N GLY A 301 50.08 29.87 15.44
CA GLY A 301 51.32 29.51 16.11
C GLY A 301 51.19 28.38 17.13
N LEU A 302 50.00 27.87 17.40
CA LEU A 302 49.81 26.83 18.39
C LEU A 302 49.79 25.46 17.73
N ASP A 303 50.57 24.52 18.26
CA ASP A 303 50.45 23.14 17.82
C ASP A 303 49.21 22.51 18.47
N PHE A 304 49.00 21.22 18.21
CA PHE A 304 47.80 20.56 18.69
C PHE A 304 47.76 20.48 20.21
N GLN A 305 48.91 20.28 20.85
CA GLN A 305 48.93 20.15 22.30
C GLN A 305 48.63 21.48 22.98
N GLN A 306 49.20 22.57 22.46
CA GLN A 306 48.89 23.88 23.02
C GLN A 306 47.41 24.22 22.85
N LEU A 307 46.83 23.81 21.72
CA LEU A 307 45.42 24.10 21.45
C LEU A 307 44.51 23.44 22.48
N VAL A 308 44.69 22.14 22.72
CA VAL A 308 43.84 21.45 23.67
C VAL A 308 44.12 21.90 25.10
N LEU A 309 45.36 22.28 25.40
CA LEU A 309 45.65 22.85 26.71
C LEU A 309 44.98 24.20 26.88
N ALA A 310 44.92 25.00 25.80
CA ALA A 310 44.28 26.31 25.87
C ALA A 310 42.77 26.17 26.07
N ILE A 311 42.14 25.26 25.35
CA ILE A 311 40.72 24.97 25.57
C ILE A 311 40.48 24.55 27.01
N LEU A 312 41.41 23.76 27.57
CA LEU A 312 41.28 23.28 28.94
C LEU A 312 41.50 24.41 29.95
N ALA A 313 42.46 25.30 29.70
CA ALA A 313 42.72 26.38 30.64
C ALA A 313 41.57 27.38 30.68
N ASP A 314 40.89 27.56 29.54
CA ASP A 314 39.76 28.48 29.50
C ASP A 314 38.61 28.00 30.39
N SER A 315 38.43 26.68 30.49
CA SER A 315 37.32 26.14 31.27
C SER A 315 37.48 26.34 32.77
N ARG A 316 38.66 26.80 33.23
CA ARG A 316 38.82 27.05 34.66
C ARG A 316 37.99 28.22 35.15
N GLU A 317 37.34 28.96 34.26
CA GLU A 317 36.36 29.97 34.64
C GLU A 317 34.94 29.39 34.45
N ALA A 318 33.94 30.25 34.34
CA ALA A 318 32.54 29.85 34.42
C ALA A 318 31.84 29.99 33.08
N ARG A 319 31.06 28.97 32.72
CA ARG A 319 30.23 29.03 31.52
C ARG A 319 29.01 29.92 31.76
N GLY A 320 28.30 30.24 30.67
CA GLY A 320 27.09 31.02 30.74
C GLY A 320 25.84 30.19 30.49
N LEU B 4 -5.26 -2.89 -39.81
CA LEU B 4 -5.62 -4.25 -39.43
C LEU B 4 -5.92 -4.34 -37.94
N CYS B 5 -4.88 -4.19 -37.12
CA CYS B 5 -5.09 -4.13 -35.68
C CYS B 5 -5.99 -2.96 -35.32
N LEU B 6 -5.79 -1.82 -35.97
CA LEU B 6 -6.69 -0.68 -35.76
C LEU B 6 -8.05 -0.92 -36.40
N ASP B 7 -8.09 -1.68 -37.50
CA ASP B 7 -9.37 -2.04 -38.12
C ASP B 7 -10.18 -2.99 -37.26
N SER B 8 -9.59 -3.57 -36.21
CA SER B 8 -10.30 -4.45 -35.30
C SER B 8 -10.77 -3.74 -34.04
N LEU B 9 -9.99 -2.80 -33.52
CA LEU B 9 -10.45 -1.98 -32.40
C LEU B 9 -11.69 -1.20 -32.78
N LEU B 10 -11.68 -0.58 -33.95
CA LEU B 10 -12.87 0.03 -34.53
C LEU B 10 -13.67 -1.08 -35.22
N ASN B 11 -14.85 -1.37 -34.70
CA ASN B 11 -15.64 -2.47 -35.24
C ASN B 11 -17.12 -2.11 -35.27
N GLY B 12 -17.86 -2.53 -34.26
CA GLY B 12 -19.24 -2.12 -34.13
C GLY B 12 -19.37 -0.69 -33.66
N THR B 13 -18.47 0.18 -34.16
CA THR B 13 -18.45 1.58 -33.80
C THR B 13 -18.89 2.49 -34.95
N GLN B 14 -19.14 1.95 -36.14
CA GLN B 14 -19.47 2.79 -37.28
C GLN B 14 -20.82 3.47 -37.12
N ASP B 15 -21.78 2.81 -36.48
CA ASP B 15 -23.11 3.36 -36.29
C ASP B 15 -23.32 3.73 -34.83
N PRO B 16 -23.31 5.01 -34.47
CA PRO B 16 -23.47 5.37 -33.05
C PRO B 16 -24.87 5.13 -32.52
N LYS B 17 -25.88 5.14 -33.38
CA LYS B 17 -27.26 4.97 -32.94
C LYS B 17 -27.66 3.50 -32.81
N ALA B 18 -26.80 2.57 -33.21
CA ALA B 18 -27.09 1.16 -32.98
C ALA B 18 -26.94 0.77 -31.51
N PHE B 19 -26.29 1.61 -30.70
CA PHE B 19 -26.12 1.33 -29.28
C PHE B 19 -27.35 1.63 -28.46
N GLY B 20 -28.34 2.35 -29.01
CA GLY B 20 -29.50 2.70 -28.23
C GLY B 20 -29.15 3.77 -27.20
N ARG B 21 -29.98 3.83 -26.16
CA ARG B 21 -29.77 4.80 -25.10
C ARG B 21 -28.69 4.27 -24.14
N VAL B 22 -27.63 5.05 -23.96
CA VAL B 22 -26.46 4.63 -23.18
C VAL B 22 -26.43 5.43 -21.89
N ALA B 23 -26.29 4.72 -20.78
CA ALA B 23 -26.19 5.33 -19.45
C ALA B 23 -24.71 5.43 -19.06
N VAL B 24 -24.25 6.64 -18.81
CA VAL B 24 -22.90 6.88 -18.31
C VAL B 24 -22.98 6.98 -16.79
N LEU B 25 -22.48 5.96 -16.10
CA LEU B 25 -22.52 5.90 -14.65
C LEU B 25 -21.23 6.45 -14.07
N PHE B 26 -21.32 7.51 -13.27
CA PHE B 26 -20.17 8.19 -12.73
C PHE B 26 -20.49 8.71 -11.33
N GLY B 27 -19.51 9.38 -10.73
CA GLY B 27 -19.67 9.94 -9.41
C GLY B 27 -19.47 8.92 -8.30
N GLY B 28 -20.56 8.51 -7.65
CA GLY B 28 -20.48 7.52 -6.62
C GLY B 28 -20.15 8.11 -5.26
N LYS B 29 -19.89 7.20 -4.32
CA LYS B 29 -19.61 7.57 -2.94
C LYS B 29 -18.20 7.22 -2.50
N SER B 30 -17.35 6.71 -3.39
CA SER B 30 -16.00 6.35 -2.99
C SER B 30 -15.13 7.60 -2.86
N ALA B 31 -13.89 7.38 -2.40
CA ALA B 31 -12.93 8.47 -2.25
C ALA B 31 -12.48 9.05 -3.59
N GLU B 32 -12.73 8.35 -4.70
CA GLU B 32 -12.38 8.83 -6.03
C GLU B 32 -13.55 9.51 -6.74
N ARG B 33 -14.58 9.90 -5.99
CA ARG B 33 -15.78 10.47 -6.59
C ARG B 33 -15.46 11.68 -7.46
N GLU B 34 -14.62 12.58 -6.97
CA GLU B 34 -14.30 13.79 -7.73
C GLU B 34 -13.61 13.45 -9.03
N VAL B 35 -12.77 12.41 -9.03
CA VAL B 35 -12.14 11.96 -10.27
C VAL B 35 -13.20 11.38 -11.21
N SER B 36 -14.13 10.58 -10.67
CA SER B 36 -15.15 9.97 -11.49
C SER B 36 -16.10 11.01 -12.08
N LEU B 37 -16.34 12.12 -11.37
CA LEU B 37 -17.15 13.19 -11.93
C LEU B 37 -16.50 13.79 -13.16
N LYS B 38 -15.19 14.03 -13.11
CA LYS B 38 -14.49 14.51 -14.29
C LYS B 38 -14.45 13.45 -15.39
N SER B 39 -14.28 12.18 -15.02
CA SER B 39 -14.29 11.12 -16.01
C SER B 39 -15.66 10.99 -16.68
N GLY B 40 -16.73 11.07 -15.89
CA GLY B 40 -18.06 10.98 -16.46
C GLY B 40 -18.35 12.10 -17.44
N ALA B 41 -17.93 13.32 -17.11
CA ALA B 41 -18.18 14.46 -17.98
C ALA B 41 -17.48 14.28 -19.32
N MET B 42 -16.23 13.81 -19.30
CA MET B 42 -15.50 13.58 -20.55
C MET B 42 -16.18 12.50 -21.39
N VAL B 43 -16.54 11.37 -20.75
CA VAL B 43 -17.16 10.28 -21.48
C VAL B 43 -18.52 10.71 -22.04
N LEU B 44 -19.31 11.42 -21.23
CA LEU B 44 -20.64 11.82 -21.67
C LEU B 44 -20.57 12.78 -22.86
N GLN B 45 -19.77 13.85 -22.73
CA GLN B 45 -19.62 14.81 -23.83
C GLN B 45 -19.13 14.14 -25.10
N SER B 46 -18.16 13.23 -24.97
CA SER B 46 -17.62 12.54 -26.15
C SER B 46 -18.68 11.69 -26.82
N LEU B 47 -19.42 10.91 -26.04
CA LEU B 47 -20.49 10.08 -26.60
C LEU B 47 -21.55 10.92 -27.29
N LEU B 48 -21.93 12.05 -26.68
CA LEU B 48 -22.90 12.94 -27.30
C LEU B 48 -22.36 13.52 -28.61
N ALA B 49 -21.08 13.88 -28.63
CA ALA B 49 -20.46 14.39 -29.85
C ALA B 49 -20.36 13.34 -30.94
N ALA B 50 -20.32 12.06 -30.58
CA ALA B 50 -20.25 11.00 -31.57
C ALA B 50 -21.63 10.62 -32.12
N GLY B 51 -22.70 11.21 -31.61
CA GLY B 51 -24.04 10.86 -32.04
C GLY B 51 -24.70 9.76 -31.24
N VAL B 52 -24.15 9.40 -30.08
CA VAL B 52 -24.75 8.38 -29.22
C VAL B 52 -25.83 9.02 -28.36
N ASP B 53 -26.96 8.33 -28.22
CA ASP B 53 -28.06 8.77 -27.36
C ASP B 53 -27.68 8.45 -25.90
N ALA B 54 -26.95 9.37 -25.29
CA ALA B 54 -26.35 9.14 -23.98
C ALA B 54 -26.81 10.19 -22.97
N PHE B 55 -26.89 9.78 -21.71
CA PHE B 55 -27.02 10.69 -20.58
C PHE B 55 -26.02 10.28 -19.51
N GLY B 56 -26.03 10.99 -18.38
CA GLY B 56 -25.22 10.64 -17.24
C GLY B 56 -26.07 10.39 -16.02
N ILE B 57 -25.62 9.49 -15.16
CA ILE B 57 -26.26 9.24 -13.87
C ILE B 57 -25.19 9.41 -12.80
N ASP B 58 -25.41 10.35 -11.89
CA ASP B 58 -24.55 10.49 -10.72
C ASP B 58 -25.00 9.45 -9.69
N VAL B 59 -24.21 8.38 -9.55
CA VAL B 59 -24.60 7.28 -8.70
C VAL B 59 -24.61 7.73 -7.25
N GLY B 60 -25.70 7.45 -6.55
CA GLY B 60 -25.82 7.77 -5.15
C GLY B 60 -27.01 7.04 -4.57
N GLU B 61 -27.58 7.61 -3.50
CA GLU B 61 -28.76 7.02 -2.88
C GLU B 61 -29.95 6.98 -3.83
N ASP B 62 -29.82 7.58 -5.01
CA ASP B 62 -30.88 7.69 -6.01
C ASP B 62 -30.86 6.56 -7.02
N LEU B 63 -29.89 5.63 -6.92
CA LEU B 63 -29.53 4.79 -8.05
C LEU B 63 -30.71 3.94 -8.53
N LEU B 64 -31.31 3.15 -7.63
CA LEU B 64 -32.33 2.21 -8.07
C LEU B 64 -33.55 2.93 -8.63
N GLN B 65 -33.90 4.09 -8.06
CA GLN B 65 -35.02 4.85 -8.59
C GLN B 65 -34.71 5.37 -10.00
N ARG B 66 -33.45 5.74 -10.27
CA ARG B 66 -33.10 6.20 -11.61
C ARG B 66 -33.15 5.05 -12.62
N LEU B 67 -32.75 3.84 -12.20
CA LEU B 67 -32.69 2.72 -13.13
C LEU B 67 -34.07 2.25 -13.53
N VAL B 68 -35.06 2.35 -12.64
CA VAL B 68 -36.42 1.99 -13.00
C VAL B 68 -37.10 3.08 -13.82
N GLU B 69 -36.65 4.34 -13.70
CA GLU B 69 -37.25 5.43 -14.46
C GLU B 69 -36.70 5.49 -15.88
N GLU B 70 -35.37 5.48 -16.02
CA GLU B 70 -34.74 5.70 -17.31
C GLU B 70 -34.71 4.43 -18.14
N LYS B 71 -34.97 4.56 -19.44
CA LYS B 71 -34.75 3.46 -20.35
C LYS B 71 -33.26 3.39 -20.67
N ILE B 72 -32.69 2.19 -20.56
CA ILE B 72 -31.25 2.00 -20.73
C ILE B 72 -31.04 0.73 -21.53
N ASP B 73 -30.46 0.86 -22.73
CA ASP B 73 -30.07 -0.30 -23.51
C ASP B 73 -28.64 -0.75 -23.19
N ARG B 74 -27.81 0.12 -22.64
CA ARG B 74 -26.41 -0.18 -22.39
C ARG B 74 -25.87 0.82 -21.38
N ALA B 75 -24.98 0.36 -20.50
CA ALA B 75 -24.41 1.21 -19.47
C ALA B 75 -22.91 1.31 -19.65
N PHE B 76 -22.40 2.54 -19.63
CA PHE B 76 -20.97 2.81 -19.65
C PHE B 76 -20.52 3.08 -18.22
N ILE B 77 -19.82 2.11 -17.62
CA ILE B 77 -19.36 2.25 -16.25
C ILE B 77 -18.04 3.03 -16.24
N ILE B 78 -18.07 4.22 -15.65
CA ILE B 78 -16.86 5.02 -15.49
C ILE B 78 -16.80 5.53 -14.05
N LEU B 79 -17.28 4.70 -13.13
CA LEU B 79 -17.04 4.90 -11.71
C LEU B 79 -15.63 4.45 -11.35
N HIS B 80 -15.10 5.01 -10.27
CA HIS B 80 -13.76 4.67 -9.80
C HIS B 80 -13.81 4.22 -8.35
N GLY B 81 -13.12 3.12 -8.06
CA GLY B 81 -13.01 2.64 -6.71
C GLY B 81 -14.17 1.76 -6.27
N ARG B 82 -14.23 1.54 -4.95
CA ARG B 82 -15.26 0.67 -4.39
C ARG B 82 -16.65 1.21 -4.69
N GLY B 83 -17.58 0.29 -4.92
CA GLY B 83 -18.89 0.64 -5.43
C GLY B 83 -18.95 0.86 -6.93
N GLY B 84 -17.81 0.83 -7.62
CA GLY B 84 -17.77 1.08 -9.04
C GLY B 84 -16.99 0.05 -9.83
N GLU B 85 -15.71 -0.15 -9.49
CA GLU B 85 -14.87 -1.13 -10.17
C GLU B 85 -14.73 -2.44 -9.40
N ASP B 86 -15.54 -2.65 -8.35
CA ASP B 86 -15.31 -3.78 -7.46
C ASP B 86 -16.34 -4.90 -7.64
N GLY B 87 -17.07 -4.90 -8.75
CA GLY B 87 -18.04 -5.93 -9.03
C GLY B 87 -19.43 -5.67 -8.50
N SER B 88 -19.60 -4.69 -7.60
CA SER B 88 -20.92 -4.42 -7.04
C SER B 88 -21.84 -3.81 -8.10
N MET B 89 -21.36 -2.79 -8.82
CA MET B 89 -22.17 -2.18 -9.87
C MET B 89 -22.39 -3.15 -11.03
N GLN B 90 -21.36 -3.91 -11.38
CA GLN B 90 -21.51 -4.93 -12.42
C GLN B 90 -22.57 -5.96 -12.04
N GLY B 91 -22.61 -6.35 -10.76
CA GLY B 91 -23.60 -7.31 -10.32
C GLY B 91 -25.01 -6.76 -10.32
N LEU B 92 -25.16 -5.49 -9.95
CA LEU B 92 -26.47 -4.85 -10.01
C LEU B 92 -27.00 -4.81 -11.43
N LEU B 93 -26.13 -4.44 -12.39
CA LEU B 93 -26.58 -4.33 -13.76
C LEU B 93 -26.96 -5.67 -14.35
N GLU B 94 -26.27 -6.75 -13.95
CA GLU B 94 -26.64 -8.07 -14.44
C GLU B 94 -27.97 -8.53 -13.85
N CYS B 95 -28.28 -8.15 -12.61
CA CYS B 95 -29.61 -8.41 -12.08
C CYS B 95 -30.65 -7.59 -12.82
N ALA B 96 -30.32 -6.33 -13.14
CA ALA B 96 -31.24 -5.47 -13.87
C ALA B 96 -31.38 -5.86 -15.34
N GLY B 97 -30.51 -6.71 -15.86
CA GLY B 97 -30.56 -7.07 -17.26
C GLY B 97 -30.02 -6.03 -18.20
N ILE B 98 -29.12 -5.17 -17.73
CA ILE B 98 -28.55 -4.09 -18.52
C ILE B 98 -27.12 -4.49 -18.90
N PRO B 99 -26.80 -4.62 -20.18
CA PRO B 99 -25.41 -4.87 -20.58
C PRO B 99 -24.54 -3.65 -20.30
N TYR B 100 -23.29 -3.92 -19.92
CA TYR B 100 -22.39 -2.88 -19.43
C TYR B 100 -21.00 -3.08 -20.03
N THR B 101 -20.16 -2.07 -19.84
CA THR B 101 -18.79 -2.07 -20.33
C THR B 101 -17.83 -2.61 -19.27
N GLY B 102 -16.66 -3.03 -19.73
CA GLY B 102 -15.58 -3.42 -18.83
C GLY B 102 -15.68 -4.84 -18.32
N SER B 103 -14.83 -5.14 -17.33
CA SER B 103 -14.74 -6.47 -16.78
C SER B 103 -16.02 -6.86 -16.04
N GLY B 104 -16.19 -8.16 -15.84
CA GLY B 104 -17.36 -8.69 -15.17
C GLY B 104 -17.24 -8.61 -13.67
N VAL B 105 -18.18 -9.30 -13.00
CA VAL B 105 -18.27 -9.24 -11.55
C VAL B 105 -17.00 -9.79 -10.90
N LEU B 106 -16.61 -11.00 -11.28
CA LEU B 106 -15.48 -11.65 -10.64
C LEU B 106 -14.17 -10.91 -10.92
N ALA B 107 -13.94 -10.54 -12.18
CA ALA B 107 -12.70 -9.87 -12.53
C ALA B 107 -12.59 -8.50 -11.87
N SER B 108 -13.70 -7.75 -11.79
CA SER B 108 -13.66 -6.43 -11.19
C SER B 108 -13.39 -6.52 -9.68
N ALA B 109 -14.10 -7.42 -9.01
CA ALA B 109 -13.86 -7.61 -7.58
C ALA B 109 -12.44 -8.07 -7.30
N LEU B 110 -11.86 -8.85 -8.21
CA LEU B 110 -10.51 -9.33 -8.02
C LEU B 110 -9.50 -8.21 -8.21
N ALA B 111 -9.62 -7.46 -9.31
CA ALA B 111 -8.65 -6.41 -9.60
C ALA B 111 -8.74 -5.24 -8.62
N MET B 112 -9.90 -5.04 -8.00
CA MET B 112 -10.02 -4.00 -6.98
C MET B 112 -9.21 -4.34 -5.75
N ASP B 113 -9.07 -5.63 -5.44
CA ASP B 113 -8.33 -6.09 -4.26
C ASP B 113 -6.88 -6.31 -4.66
N LYS B 114 -6.01 -5.38 -4.23
CA LYS B 114 -4.60 -5.47 -4.61
C LYS B 114 -3.92 -6.69 -4.02
N LEU B 115 -4.38 -7.17 -2.86
CA LEU B 115 -3.74 -8.32 -2.24
C LEU B 115 -4.06 -9.60 -2.99
N ARG B 116 -5.34 -9.88 -3.23
CA ARG B 116 -5.70 -11.09 -3.98
C ARG B 116 -5.16 -11.03 -5.40
N THR B 117 -5.08 -9.83 -5.98
CA THR B 117 -4.49 -9.68 -7.31
C THR B 117 -3.02 -10.08 -7.30
N LYS B 118 -2.27 -9.62 -6.29
CA LYS B 118 -0.86 -10.01 -6.18
C LYS B 118 -0.73 -11.51 -5.91
N ARG B 119 -1.63 -12.08 -5.11
CA ARG B 119 -1.57 -13.51 -4.86
C ARG B 119 -1.86 -14.31 -6.12
N VAL B 120 -2.76 -13.83 -6.98
CA VAL B 120 -3.00 -14.50 -8.25
C VAL B 120 -1.78 -14.42 -9.14
N TRP B 121 -1.12 -13.26 -9.18
CA TRP B 121 0.09 -13.12 -9.99
C TRP B 121 1.22 -14.00 -9.46
N LEU B 122 1.38 -14.07 -8.14
CA LEU B 122 2.44 -14.90 -7.57
C LEU B 122 2.21 -16.37 -7.88
N SER B 123 0.96 -16.84 -7.79
CA SER B 123 0.66 -18.24 -8.06
C SER B 123 0.96 -18.63 -9.50
N LEU B 124 0.96 -17.66 -10.42
CA LEU B 124 1.29 -17.89 -11.82
C LEU B 124 2.73 -17.51 -12.14
N GLY B 125 3.52 -17.13 -11.15
CA GLY B 125 4.90 -16.76 -11.39
C GLY B 125 5.08 -15.42 -12.06
N LEU B 126 4.13 -14.51 -11.91
CA LEU B 126 4.32 -13.19 -12.48
C LEU B 126 5.03 -12.27 -11.48
N PRO B 127 5.93 -11.40 -11.95
CA PRO B 127 6.68 -10.55 -11.01
C PRO B 127 5.81 -9.46 -10.40
N THR B 128 5.91 -9.31 -9.09
CA THR B 128 5.21 -8.27 -8.34
C THR B 128 5.98 -8.04 -7.06
N PRO B 129 6.06 -6.80 -6.56
CA PRO B 129 6.96 -6.51 -5.44
C PRO B 129 6.67 -7.34 -4.19
N ASP B 130 7.74 -7.73 -3.50
CA ASP B 130 7.60 -8.41 -2.22
C ASP B 130 6.91 -7.47 -1.23
N TYR B 131 6.05 -8.04 -0.38
CA TYR B 131 5.11 -7.24 0.37
C TYR B 131 4.88 -7.85 1.75
N ALA B 132 4.02 -7.18 2.53
CA ALA B 132 3.56 -7.67 3.82
C ALA B 132 2.21 -7.04 4.11
N VAL B 133 1.41 -7.75 4.91
CA VAL B 133 0.10 -7.25 5.34
C VAL B 133 0.26 -6.61 6.71
N LEU B 134 -0.23 -5.39 6.84
CA LEU B 134 -0.08 -4.59 8.06
C LEU B 134 -1.42 -4.48 8.77
N ALA B 135 -1.51 -5.09 9.95
CA ALA B 135 -2.69 -4.95 10.80
C ALA B 135 -2.36 -4.49 12.21
N SER B 136 -1.07 -4.34 12.54
CA SER B 136 -0.66 -3.90 13.86
C SER B 136 0.75 -3.31 13.74
N GLU B 137 1.19 -2.66 14.83
CA GLU B 137 2.54 -2.13 14.84
C GLU B 137 3.60 -3.23 14.78
N ASP B 138 3.29 -4.41 15.33
CA ASP B 138 4.20 -5.54 15.20
C ASP B 138 4.33 -5.97 13.74
N ASP B 139 3.23 -5.94 12.99
CA ASP B 139 3.31 -6.21 11.56
C ASP B 139 4.25 -5.24 10.86
N CYS B 140 4.24 -3.97 11.27
CA CYS B 140 5.14 -2.99 10.69
C CYS B 140 6.59 -3.33 10.99
N ARG B 141 6.88 -3.74 12.23
CA ARG B 141 8.24 -4.10 12.61
C ARG B 141 8.72 -5.33 11.84
N GLU B 142 7.84 -6.34 11.70
CA GLU B 142 8.20 -7.53 10.94
C GLU B 142 8.56 -7.17 9.50
N ALA B 143 7.71 -6.35 8.86
CA ALA B 143 7.96 -5.98 7.47
C ALA B 143 9.23 -5.14 7.34
N ALA B 144 9.49 -4.27 8.32
CA ALA B 144 10.69 -3.45 8.27
C ALA B 144 11.95 -4.31 8.27
N GLN B 145 11.97 -5.35 9.11
CA GLN B 145 13.16 -6.19 9.19
C GLN B 145 13.34 -7.03 7.93
N ARG B 146 12.24 -7.56 7.39
CA ARG B 146 12.34 -8.46 6.24
C ARG B 146 12.52 -7.70 4.93
N LEU B 147 11.77 -6.61 4.73
CA LEU B 147 11.75 -5.94 3.44
C LEU B 147 12.74 -4.79 3.34
N GLY B 148 13.18 -4.23 4.45
CA GLY B 148 14.09 -3.10 4.40
C GLY B 148 13.36 -1.80 4.11
N PHE B 149 14.11 -0.82 3.62
CA PHE B 149 13.59 0.50 3.32
C PHE B 149 14.27 1.05 2.08
N PRO B 150 13.59 1.91 1.30
CA PRO B 150 12.24 2.44 1.54
C PRO B 150 11.11 1.48 1.15
N LEU B 151 9.88 1.85 1.52
CA LEU B 151 8.69 1.06 1.25
C LEU B 151 7.55 1.98 0.87
N ILE B 152 6.47 1.39 0.34
CA ILE B 152 5.24 2.12 0.02
C ILE B 152 4.09 1.44 0.71
N VAL B 153 3.30 2.22 1.45
CA VAL B 153 2.10 1.74 2.11
C VAL B 153 0.91 2.14 1.26
N LYS B 154 0.00 1.18 1.04
CA LYS B 154 -1.18 1.49 0.26
C LYS B 154 -2.35 0.71 0.80
N PRO B 155 -3.56 1.27 0.79
CA PRO B 155 -4.74 0.47 1.10
C PRO B 155 -4.93 -0.60 0.03
N ALA B 156 -5.71 -1.63 0.38
CA ALA B 156 -5.89 -2.73 -0.54
C ALA B 156 -6.89 -2.41 -1.64
N HIS B 157 -7.94 -1.63 -1.34
CA HIS B 157 -9.06 -1.44 -2.25
C HIS B 157 -9.23 0.01 -2.66
N GLU B 158 -8.15 0.79 -2.71
CA GLU B 158 -8.24 2.20 -3.07
C GLU B 158 -7.67 2.45 -4.46
N GLY B 159 -7.76 3.71 -4.89
CA GLY B 159 -7.22 4.14 -6.16
C GLY B 159 -6.79 5.59 -6.07
N SER B 160 -6.29 6.11 -7.19
CA SER B 160 -5.84 7.50 -7.29
C SER B 160 -4.75 7.83 -6.26
N SER B 161 -3.96 6.82 -5.87
CA SER B 161 -2.91 6.95 -4.87
C SER B 161 -3.44 7.47 -3.53
N ILE B 162 -4.75 7.31 -3.29
CA ILE B 162 -5.35 7.79 -2.06
C ILE B 162 -4.90 6.92 -0.90
N GLY B 163 -4.46 7.56 0.18
CA GLY B 163 -4.04 6.83 1.37
C GLY B 163 -2.69 6.18 1.26
N MET B 164 -1.85 6.62 0.32
CA MET B 164 -0.56 6.01 0.07
C MET B 164 0.57 6.92 0.50
N ALA B 165 1.71 6.31 0.81
CA ALA B 165 2.89 7.06 1.23
C ALA B 165 4.13 6.19 1.04
N LYS B 166 5.21 6.81 0.57
CA LYS B 166 6.53 6.18 0.56
C LYS B 166 7.23 6.52 1.86
N VAL B 167 7.76 5.50 2.53
CA VAL B 167 8.38 5.68 3.84
C VAL B 167 9.82 5.20 3.77
N GLY B 168 10.70 5.87 4.52
CA GLY B 168 12.10 5.54 4.53
C GLY B 168 12.62 5.15 5.89
N GLY B 169 11.70 4.97 6.85
CA GLY B 169 12.07 4.57 8.20
C GLY B 169 10.89 3.91 8.88
N LEU B 170 11.18 3.28 10.02
CA LEU B 170 10.13 2.57 10.76
C LEU B 170 9.09 3.54 11.31
N ASP B 171 9.53 4.65 11.89
CA ASP B 171 8.58 5.56 12.55
C ASP B 171 7.53 6.08 11.58
N GLU B 172 7.92 6.37 10.34
CA GLU B 172 6.95 6.81 9.34
C GLU B 172 6.23 5.65 8.66
N LEU B 173 6.75 4.42 8.78
CA LEU B 173 6.01 3.26 8.31
C LEU B 173 4.72 3.10 9.12
N ILE B 174 4.81 3.20 10.45
CA ILE B 174 3.63 3.05 11.30
C ILE B 174 2.67 4.20 11.05
N ALA B 175 3.18 5.42 10.93
CA ALA B 175 2.31 6.56 10.65
C ALA B 175 1.58 6.38 9.33
N ALA B 176 2.27 5.87 8.31
CA ALA B 176 1.62 5.62 7.03
C ALA B 176 0.60 4.50 7.12
N TRP B 177 0.84 3.52 7.99
CA TRP B 177 -0.09 2.41 8.13
C TRP B 177 -1.44 2.87 8.69
N ARG B 178 -1.41 3.70 9.74
CA ARG B 178 -2.64 4.17 10.35
C ARG B 178 -3.42 5.10 9.42
N GLU B 179 -2.71 5.93 8.65
CA GLU B 179 -3.38 6.78 7.67
C GLU B 179 -4.05 5.93 6.60
N ALA B 180 -3.34 4.92 6.09
CA ALA B 180 -3.94 4.02 5.10
C ALA B 180 -5.09 3.21 5.70
N ALA B 181 -5.02 2.90 6.99
CA ALA B 181 -6.09 2.15 7.64
C ALA B 181 -7.38 2.95 7.80
N ARG B 182 -7.34 4.26 7.60
CA ARG B 182 -8.55 5.05 7.60
C ARG B 182 -9.42 4.74 6.37
N TYR B 183 -8.80 4.37 5.26
CA TYR B 183 -9.54 4.05 4.05
C TYR B 183 -9.86 2.56 3.91
N ASP B 184 -9.12 1.70 4.62
CA ASP B 184 -9.29 0.26 4.45
C ASP B 184 -8.57 -0.48 5.58
N SER B 185 -9.28 -1.34 6.31
CA SER B 185 -8.63 -2.18 7.31
C SER B 185 -7.61 -3.11 6.68
N GLN B 186 -7.77 -3.45 5.41
CA GLN B 186 -6.77 -4.19 4.66
C GLN B 186 -5.71 -3.22 4.16
N VAL B 187 -4.47 -3.40 4.62
CA VAL B 187 -3.35 -2.54 4.26
C VAL B 187 -2.17 -3.42 3.89
N LEU B 188 -1.49 -3.11 2.80
CA LEU B 188 -0.26 -3.78 2.43
C LEU B 188 0.87 -2.76 2.33
N VAL B 189 2.10 -3.28 2.33
CA VAL B 189 3.30 -2.47 2.14
C VAL B 189 4.22 -3.23 1.19
N GLU B 190 4.87 -2.51 0.29
CA GLU B 190 5.69 -3.13 -0.74
C GLU B 190 7.11 -2.58 -0.69
N GLN B 191 8.05 -3.38 -1.19
CA GLN B 191 9.40 -2.88 -1.42
C GLN B 191 9.36 -1.80 -2.49
N TRP B 192 10.15 -0.75 -2.29
CA TRP B 192 10.18 0.38 -3.23
C TRP B 192 11.03 0.01 -4.44
N ILE B 193 10.40 0.00 -5.61
CA ILE B 193 11.11 -0.24 -6.86
C ILE B 193 11.68 1.10 -7.32
N SER B 194 13.00 1.23 -7.27
CA SER B 194 13.68 2.46 -7.67
C SER B 194 14.02 2.34 -9.15
N GLY B 195 13.29 3.06 -9.99
CA GLY B 195 13.49 2.99 -11.41
C GLY B 195 12.31 3.58 -12.17
N PRO B 196 12.30 3.40 -13.49
CA PRO B 196 11.26 4.03 -14.31
C PRO B 196 9.89 3.44 -14.02
N GLU B 197 8.87 4.29 -14.13
CA GLU B 197 7.48 3.89 -13.97
C GLU B 197 6.79 3.89 -15.32
N PHE B 198 6.02 2.84 -15.59
CA PHE B 198 5.26 2.72 -16.83
C PHE B 198 3.81 2.43 -16.50
N THR B 199 2.93 2.82 -17.41
CA THR B 199 1.53 2.41 -17.38
C THR B 199 1.19 1.88 -18.77
N VAL B 200 0.42 0.80 -18.82
CA VAL B 200 0.15 0.07 -20.05
C VAL B 200 -1.34 -0.16 -20.16
N ALA B 201 -1.99 0.53 -21.10
CA ALA B 201 -3.41 0.35 -21.33
C ALA B 201 -3.65 -0.84 -22.24
N THR B 202 -4.80 -1.48 -22.05
CA THR B 202 -5.27 -2.56 -22.92
C THR B 202 -6.70 -2.25 -23.35
N LEU B 203 -7.01 -2.55 -24.62
CA LEU B 203 -8.30 -2.19 -25.20
C LEU B 203 -8.76 -3.32 -26.11
N ARG B 204 -9.97 -3.83 -25.85
CA ARG B 204 -10.61 -4.87 -26.66
C ARG B 204 -9.66 -6.03 -26.95
N GLY B 205 -8.83 -6.37 -25.95
CA GLY B 205 -7.91 -7.48 -26.06
C GLY B 205 -6.54 -7.13 -26.62
N GLN B 206 -6.31 -5.88 -27.02
CA GLN B 206 -5.04 -5.45 -27.57
C GLN B 206 -4.31 -4.56 -26.58
N VAL B 207 -2.98 -4.65 -26.59
CA VAL B 207 -2.14 -3.86 -25.70
C VAL B 207 -1.71 -2.59 -26.42
N LEU B 208 -1.97 -1.45 -25.80
CA LEU B 208 -1.66 -0.15 -26.37
C LEU B 208 -0.24 0.26 -26.04
N PRO B 209 0.29 1.29 -26.71
CA PRO B 209 1.65 1.75 -26.41
C PRO B 209 1.82 2.13 -24.94
N ALA B 210 2.98 1.79 -24.39
CA ALA B 210 3.27 2.07 -22.99
C ALA B 210 3.62 3.54 -22.80
N ILE B 211 3.34 4.04 -21.60
CA ILE B 211 3.62 5.43 -21.22
C ILE B 211 4.60 5.40 -20.05
N ARG B 212 5.57 6.32 -20.08
CA ARG B 212 6.51 6.47 -18.99
C ARG B 212 6.14 7.70 -18.16
N LEU B 213 6.09 7.53 -16.84
CA LEU B 213 5.56 8.54 -15.94
C LEU B 213 6.65 9.06 -15.01
N GLY B 214 6.65 10.37 -14.80
CA GLY B 214 7.59 10.99 -13.87
C GLY B 214 6.97 12.23 -13.25
N THR B 215 7.41 12.53 -12.03
CA THR B 215 6.90 13.68 -11.29
C THR B 215 7.95 14.13 -10.30
N PRO B 216 7.98 15.41 -9.95
CA PRO B 216 8.88 15.85 -8.87
C PRO B 216 8.55 15.23 -7.52
N HIS B 217 7.31 14.78 -7.32
CA HIS B 217 6.89 14.22 -6.05
C HIS B 217 7.61 12.90 -5.79
N THR B 218 7.52 12.44 -4.54
CA THR B 218 8.19 11.20 -4.17
C THR B 218 7.63 10.00 -4.95
N PHE B 219 6.34 10.05 -5.27
CA PHE B 219 5.75 9.04 -6.16
C PHE B 219 4.57 9.67 -6.89
N TYR B 220 4.04 8.93 -7.85
CA TYR B 220 2.92 9.38 -8.68
C TYR B 220 1.66 9.43 -7.81
N ASP B 221 1.59 10.46 -6.97
CA ASP B 221 0.55 10.54 -5.95
C ASP B 221 -0.67 11.28 -6.50
N TYR B 222 -1.62 11.59 -5.60
CA TYR B 222 -2.87 12.21 -6.03
C TYR B 222 -2.64 13.59 -6.64
N ASP B 223 -1.76 14.39 -6.03
CA ASP B 223 -1.49 15.71 -6.56
C ASP B 223 -0.84 15.63 -7.94
N ALA B 224 0.13 14.72 -8.10
CA ALA B 224 0.83 14.60 -9.38
C ALA B 224 -0.07 14.03 -10.48
N LYS B 225 -1.16 13.35 -10.11
CA LYS B 225 -2.05 12.77 -11.09
C LYS B 225 -3.08 13.75 -11.63
N TYR B 226 -3.57 14.67 -10.79
CA TYR B 226 -4.72 15.49 -11.16
C TYR B 226 -4.52 16.98 -10.96
N LEU B 227 -3.53 17.43 -10.19
CA LEU B 227 -3.43 18.84 -9.83
C LEU B 227 -2.16 19.50 -10.32
N ALA B 228 -1.03 18.78 -10.33
CA ALA B 228 0.23 19.40 -10.71
C ALA B 228 0.30 19.65 -12.21
N SER B 229 1.16 20.58 -12.59
CA SER B 229 1.36 20.95 -13.99
C SER B 229 2.68 20.47 -14.55
N ASP B 230 3.49 19.77 -13.76
CA ASP B 230 4.83 19.35 -14.19
C ASP B 230 4.98 17.83 -14.21
N THR B 231 3.87 17.09 -14.32
CA THR B 231 3.96 15.65 -14.50
C THR B 231 4.44 15.34 -15.91
N ARG B 232 5.30 14.33 -16.03
CA ARG B 232 5.96 13.99 -17.28
C ARG B 232 5.37 12.70 -17.86
N TYR B 233 5.02 12.76 -19.14
CA TYR B 233 4.44 11.62 -19.86
C TYR B 233 5.27 11.36 -21.09
N GLN B 234 5.83 10.16 -21.20
CA GLN B 234 6.69 9.77 -22.32
C GLN B 234 5.96 8.73 -23.17
N VAL B 235 5.50 9.16 -24.35
CA VAL B 235 5.03 8.24 -25.39
C VAL B 235 5.66 8.68 -26.71
N PRO B 236 6.50 7.86 -27.34
CA PRO B 236 6.87 6.51 -26.90
C PRO B 236 7.83 6.53 -25.71
N CYS B 237 7.73 5.53 -24.83
CA CYS B 237 8.71 5.37 -23.77
C CYS B 237 10.07 5.02 -24.37
N GLY B 238 11.12 5.18 -23.58
CA GLY B 238 12.46 5.02 -24.07
C GLY B 238 12.93 3.58 -24.23
N LEU B 239 12.02 2.62 -24.08
CA LEU B 239 12.37 1.22 -24.18
C LEU B 239 12.63 0.82 -25.64
N ASP B 240 13.56 -0.11 -25.82
CA ASP B 240 13.77 -0.67 -27.15
C ASP B 240 12.63 -1.60 -27.52
N GLU B 241 12.63 -2.04 -28.78
CA GLU B 241 11.51 -2.84 -29.29
C GLU B 241 11.33 -4.12 -28.48
N ALA B 242 12.44 -4.82 -28.18
CA ALA B 242 12.33 -6.09 -27.49
C ALA B 242 11.85 -5.92 -26.05
N LYS B 243 12.21 -4.80 -25.41
CA LYS B 243 11.83 -4.60 -24.02
C LYS B 243 10.40 -4.10 -23.89
N GLU B 244 9.96 -3.24 -24.81
CA GLU B 244 8.57 -2.81 -24.78
C GLU B 244 7.63 -3.94 -25.21
N ARG B 245 8.08 -4.82 -26.10
CA ARG B 245 7.31 -6.03 -26.40
C ARG B 245 7.23 -6.93 -25.17
N GLU B 246 8.34 -7.04 -24.43
CA GLU B 246 8.32 -7.76 -23.16
C GLU B 246 7.33 -7.13 -22.19
N LEU B 247 7.30 -5.79 -22.13
CA LEU B 247 6.37 -5.09 -21.25
C LEU B 247 4.92 -5.32 -21.70
N LYS B 248 4.68 -5.27 -23.02
CA LYS B 248 3.33 -5.49 -23.52
C LYS B 248 2.85 -6.91 -23.22
N GLU B 249 3.72 -7.90 -23.40
CA GLU B 249 3.32 -9.28 -23.18
C GLU B 249 3.09 -9.57 -21.70
N LEU B 250 3.91 -8.99 -20.83
CA LEU B 250 3.68 -9.12 -19.39
C LEU B 250 2.34 -8.52 -19.00
N THR B 251 1.98 -7.38 -19.59
CA THR B 251 0.69 -6.76 -19.32
C THR B 251 -0.45 -7.67 -19.73
N ALA B 252 -0.35 -8.27 -20.92
CA ALA B 252 -1.41 -9.17 -21.38
C ALA B 252 -1.57 -10.35 -20.45
N ARG B 253 -0.47 -10.93 -19.99
CA ARG B 253 -0.55 -12.05 -19.06
C ARG B 253 -1.13 -11.61 -17.72
N ALA B 254 -0.74 -10.42 -17.23
CA ALA B 254 -1.24 -9.94 -15.96
C ALA B 254 -2.74 -9.66 -16.02
N CYS B 255 -3.23 -9.22 -17.18
CA CYS B 255 -4.66 -8.93 -17.32
C CYS B 255 -5.47 -10.20 -17.52
N ASP B 256 -5.00 -11.11 -18.38
CA ASP B 256 -5.72 -12.37 -18.58
C ASP B 256 -5.72 -13.21 -17.31
N ALA B 257 -4.70 -13.05 -16.45
CA ALA B 257 -4.68 -13.75 -15.17
C ALA B 257 -5.83 -13.33 -14.27
N LEU B 258 -6.40 -12.14 -14.49
CA LEU B 258 -7.48 -11.64 -13.66
C LEU B 258 -8.84 -11.71 -14.32
N GLY B 259 -8.90 -12.04 -15.62
CA GLY B 259 -10.16 -12.02 -16.32
C GLY B 259 -10.55 -10.67 -16.86
N ILE B 260 -9.61 -9.73 -16.99
CA ILE B 260 -9.92 -8.40 -17.47
C ILE B 260 -10.56 -8.49 -18.85
N GLN B 261 -11.59 -7.68 -19.07
CA GLN B 261 -12.39 -7.77 -20.28
C GLN B 261 -12.79 -6.38 -20.72
N GLY B 262 -12.76 -6.13 -22.03
CA GLY B 262 -13.14 -4.84 -22.57
C GLY B 262 -12.00 -3.84 -22.64
N TRP B 263 -11.56 -3.36 -21.48
CA TRP B 263 -10.44 -2.43 -21.41
C TRP B 263 -9.89 -2.43 -19.99
N GLY B 264 -8.72 -1.83 -19.83
CA GLY B 264 -8.06 -1.78 -18.54
C GLY B 264 -6.73 -1.08 -18.66
N ARG B 265 -6.07 -0.91 -17.51
CA ARG B 265 -4.76 -0.26 -17.47
C ARG B 265 -3.91 -0.88 -16.37
N ALA B 266 -2.70 -1.28 -16.72
CA ALA B 266 -1.75 -1.88 -15.79
C ALA B 266 -0.64 -0.89 -15.46
N ASP B 267 -0.30 -0.81 -14.18
CA ASP B 267 0.79 0.04 -13.70
C ASP B 267 1.97 -0.85 -13.35
N VAL B 268 3.12 -0.59 -13.97
CA VAL B 268 4.29 -1.45 -13.88
C VAL B 268 5.51 -0.61 -13.53
N MET B 269 6.33 -1.11 -12.61
CA MET B 269 7.61 -0.50 -12.27
C MET B 269 8.76 -1.32 -12.85
N GLN B 270 9.85 -0.63 -13.17
CA GLN B 270 11.07 -1.27 -13.66
C GLN B 270 12.20 -0.98 -12.68
N ASP B 271 12.88 -2.03 -12.22
CA ASP B 271 13.93 -1.84 -11.23
C ASP B 271 15.24 -1.43 -11.90
N ALA B 272 16.27 -1.25 -11.07
CA ALA B 272 17.56 -0.75 -11.55
C ALA B 272 18.25 -1.70 -12.52
N GLU B 273 17.76 -2.94 -12.64
CA GLU B 273 18.37 -3.93 -13.54
C GLU B 273 17.47 -4.28 -14.72
N GLY B 274 16.40 -3.52 -14.95
CA GLY B 274 15.56 -3.71 -16.11
C GLY B 274 14.34 -4.59 -15.91
N ARG B 275 14.30 -5.36 -14.82
CA ARG B 275 13.19 -6.27 -14.59
C ARG B 275 11.91 -5.51 -14.25
N PHE B 276 10.79 -5.98 -14.80
CA PHE B 276 9.50 -5.33 -14.60
C PHE B 276 8.79 -5.93 -13.38
N TRP B 277 8.04 -5.08 -12.68
CA TRP B 277 7.27 -5.48 -11.51
C TRP B 277 5.84 -4.97 -11.65
N LEU B 278 4.88 -5.87 -11.52
CA LEU B 278 3.47 -5.50 -11.65
C LEU B 278 2.95 -4.92 -10.33
N LEU B 279 2.24 -3.80 -10.43
CA LEU B 279 1.66 -3.14 -9.26
C LEU B 279 0.17 -3.45 -9.13
N GLU B 280 -0.62 -3.13 -10.16
CA GLU B 280 -2.06 -3.30 -10.09
C GLU B 280 -2.63 -3.20 -11.50
N VAL B 281 -3.90 -3.54 -11.62
CA VAL B 281 -4.69 -3.34 -12.83
C VAL B 281 -5.96 -2.62 -12.46
N ASN B 282 -6.34 -1.63 -13.27
CA ASN B 282 -7.57 -0.87 -13.08
C ASN B 282 -8.57 -1.31 -14.14
N THR B 283 -9.80 -1.61 -13.71
CA THR B 283 -10.83 -2.13 -14.61
C THR B 283 -11.74 -1.05 -15.16
N ALA B 284 -11.74 0.14 -14.58
CA ALA B 284 -12.40 1.32 -15.15
C ALA B 284 -11.46 2.50 -15.03
N PRO B 285 -10.43 2.56 -15.87
CA PRO B 285 -9.40 3.59 -15.72
C PRO B 285 -9.98 4.99 -15.85
N GLY B 286 -9.26 5.95 -15.26
CA GLY B 286 -9.69 7.33 -15.34
C GLY B 286 -9.77 7.81 -16.78
N MET B 287 -10.72 8.71 -17.03
CA MET B 287 -10.95 9.26 -18.36
C MET B 287 -10.98 10.79 -18.32
N THR B 288 -10.32 11.38 -17.32
CA THR B 288 -10.20 12.82 -17.24
C THR B 288 -9.23 13.32 -18.32
N ASP B 289 -9.09 14.64 -18.43
CA ASP B 289 -8.11 15.19 -19.35
C ASP B 289 -6.69 15.11 -18.81
N HIS B 290 -6.50 14.58 -17.60
CA HIS B 290 -5.18 14.23 -17.08
C HIS B 290 -4.91 12.74 -17.16
N SER B 291 -5.82 11.96 -17.73
CA SER B 291 -5.79 10.51 -17.60
C SER B 291 -4.91 9.85 -18.66
N LEU B 292 -4.57 8.59 -18.40
CA LEU B 292 -3.54 7.86 -19.13
C LEU B 292 -4.06 7.03 -20.29
N VAL B 293 -5.24 6.41 -20.14
CA VAL B 293 -5.79 5.61 -21.24
C VAL B 293 -6.08 6.46 -22.47
N PRO B 294 -6.69 7.65 -22.37
CA PRO B 294 -6.81 8.49 -23.58
C PRO B 294 -5.47 8.84 -24.20
N MET B 295 -4.43 8.96 -23.38
CA MET B 295 -3.10 9.24 -23.91
C MET B 295 -2.55 8.07 -24.71
N ALA B 296 -2.68 6.85 -24.16
CA ALA B 296 -2.23 5.67 -24.89
C ALA B 296 -3.09 5.39 -26.11
N ALA B 297 -4.39 5.66 -26.02
CA ALA B 297 -5.27 5.46 -27.16
C ALA B 297 -4.90 6.39 -28.32
N ARG B 298 -4.54 7.63 -28.01
CA ARG B 298 -4.11 8.54 -29.07
C ARG B 298 -2.79 8.11 -29.67
N ALA B 299 -1.93 7.47 -28.87
CA ALA B 299 -0.67 6.95 -29.39
C ALA B 299 -0.88 5.79 -30.36
N ALA B 300 -2.00 5.09 -30.25
CA ALA B 300 -2.36 4.03 -31.20
C ALA B 300 -3.20 4.56 -32.36
N GLY B 301 -3.41 5.87 -32.44
CA GLY B 301 -4.13 6.49 -33.53
C GLY B 301 -5.55 6.89 -33.22
N LEU B 302 -6.13 6.39 -32.13
CA LEU B 302 -7.54 6.62 -31.84
C LEU B 302 -7.73 7.94 -31.11
N ASP B 303 -8.71 8.72 -31.54
CA ASP B 303 -9.09 9.90 -30.77
C ASP B 303 -10.00 9.50 -29.62
N PHE B 304 -10.44 10.48 -28.84
CA PHE B 304 -11.23 10.18 -27.65
C PHE B 304 -12.56 9.55 -28.00
N GLN B 305 -13.20 10.02 -29.08
CA GLN B 305 -14.49 9.46 -29.49
C GLN B 305 -14.35 8.01 -29.93
N GLN B 306 -13.29 7.70 -30.69
CA GLN B 306 -13.08 6.31 -31.11
C GLN B 306 -12.79 5.41 -29.92
N LEU B 307 -12.15 5.94 -28.88
CA LEU B 307 -11.84 5.12 -27.70
C LEU B 307 -13.11 4.70 -26.97
N VAL B 308 -14.00 5.65 -26.68
CA VAL B 308 -15.20 5.32 -25.93
C VAL B 308 -16.14 4.44 -26.77
N LEU B 309 -16.19 4.67 -28.08
CA LEU B 309 -17.03 3.84 -28.94
C LEU B 309 -16.49 2.42 -29.03
N ALA B 310 -15.15 2.27 -29.06
CA ALA B 310 -14.57 0.94 -29.06
C ALA B 310 -14.87 0.21 -27.77
N ILE B 311 -14.78 0.90 -26.63
CA ILE B 311 -15.17 0.31 -25.35
C ILE B 311 -16.63 -0.10 -25.39
N LEU B 312 -17.49 0.78 -25.93
CA LEU B 312 -18.92 0.50 -25.95
C LEU B 312 -19.25 -0.64 -26.89
N ALA B 313 -18.52 -0.74 -28.01
CA ALA B 313 -18.78 -1.82 -28.97
C ALA B 313 -18.36 -3.17 -28.43
N ASP B 314 -17.31 -3.21 -27.60
CA ASP B 314 -16.88 -4.48 -27.02
C ASP B 314 -17.93 -5.04 -26.06
N SER B 315 -18.71 -4.16 -25.42
CA SER B 315 -19.70 -4.59 -24.45
C SER B 315 -20.90 -5.30 -25.08
N ARG B 316 -21.04 -5.24 -26.40
CA ARG B 316 -22.08 -6.00 -27.08
C ARG B 316 -21.81 -7.50 -27.10
N GLU B 317 -20.86 -7.96 -26.28
CA GLU B 317 -20.54 -9.37 -26.18
C GLU B 317 -20.47 -9.78 -24.72
N ALA B 318 -20.56 -11.09 -24.47
CA ALA B 318 -20.87 -11.60 -23.14
C ALA B 318 -19.76 -11.28 -22.14
N ARG B 319 -20.17 -11.03 -20.89
CA ARG B 319 -19.26 -10.82 -19.78
C ARG B 319 -19.02 -12.11 -19.02
N GLY B 320 -17.84 -12.22 -18.41
CA GLY B 320 -17.48 -13.41 -17.67
C GLY B 320 -17.58 -13.24 -16.16
N LEU C 4 -16.58 -25.55 17.54
CA LEU C 4 -18.03 -25.51 17.69
C LEU C 4 -18.43 -25.00 19.06
N CYS C 5 -19.06 -23.82 19.09
CA CYS C 5 -19.58 -23.24 20.33
C CYS C 5 -21.04 -22.86 20.08
N LEU C 6 -21.95 -23.66 20.65
CA LEU C 6 -23.38 -23.43 20.44
C LEU C 6 -23.82 -22.10 21.03
N ASP C 7 -23.18 -21.66 22.10
CA ASP C 7 -23.63 -20.44 22.79
C ASP C 7 -23.33 -19.20 21.94
N SER C 8 -22.10 -19.10 21.40
CA SER C 8 -21.75 -17.95 20.59
C SER C 8 -22.41 -17.99 19.21
N LEU C 9 -22.83 -19.16 18.74
CA LEU C 9 -23.62 -19.23 17.52
C LEU C 9 -24.89 -18.40 17.64
N LEU C 10 -25.42 -18.26 18.85
CA LEU C 10 -26.56 -17.40 19.12
C LEU C 10 -26.06 -16.10 19.72
N ASN C 11 -26.37 -14.97 19.08
CA ASN C 11 -25.91 -13.68 19.57
C ASN C 11 -27.00 -12.63 19.45
N GLY C 12 -27.20 -12.10 18.24
CA GLY C 12 -28.31 -11.19 17.99
C GLY C 12 -29.61 -11.95 17.87
N THR C 13 -29.67 -13.12 18.51
CA THR C 13 -30.77 -14.05 18.36
C THR C 13 -31.99 -13.67 19.19
N GLN C 14 -31.79 -13.02 20.34
CA GLN C 14 -32.85 -12.86 21.31
C GLN C 14 -33.88 -11.80 20.92
N ASP C 15 -33.53 -10.86 20.04
CA ASP C 15 -34.41 -9.75 19.70
C ASP C 15 -34.77 -9.83 18.23
N PRO C 16 -35.84 -10.55 17.87
CA PRO C 16 -36.29 -10.55 16.47
C PRO C 16 -36.77 -9.21 15.98
N LYS C 17 -37.17 -8.31 16.89
CA LYS C 17 -37.55 -6.96 16.49
C LYS C 17 -36.35 -6.11 16.13
N ALA C 18 -35.16 -6.46 16.64
CA ALA C 18 -33.98 -5.63 16.39
C ALA C 18 -33.51 -5.74 14.93
N PHE C 19 -33.83 -6.84 14.25
CA PHE C 19 -33.39 -7.01 12.88
C PHE C 19 -34.08 -6.08 11.90
N GLY C 20 -35.12 -5.37 12.33
CA GLY C 20 -35.83 -4.51 11.41
C GLY C 20 -36.73 -5.33 10.50
N ARG C 21 -37.14 -4.69 9.40
CA ARG C 21 -37.96 -5.39 8.41
C ARG C 21 -37.04 -6.18 7.48
N VAL C 22 -37.27 -7.49 7.41
CA VAL C 22 -36.38 -8.41 6.71
C VAL C 22 -37.08 -8.90 5.45
N ALA C 23 -36.41 -8.79 4.32
CA ALA C 23 -36.89 -9.34 3.06
C ALA C 23 -36.17 -10.65 2.76
N VAL C 24 -36.95 -11.70 2.52
CA VAL C 24 -36.42 -13.01 2.18
C VAL C 24 -36.44 -13.13 0.66
N LEU C 25 -35.24 -13.15 0.05
CA LEU C 25 -35.12 -13.18 -1.40
C LEU C 25 -35.00 -14.63 -1.86
N PHE C 26 -35.99 -15.08 -2.64
CA PHE C 26 -36.03 -16.45 -3.14
C PHE C 26 -36.55 -16.43 -4.57
N GLY C 27 -36.76 -17.62 -5.12
CA GLY C 27 -37.29 -17.73 -6.47
C GLY C 27 -36.25 -17.57 -7.55
N GLY C 28 -36.32 -16.46 -8.27
CA GLY C 28 -35.35 -16.20 -9.31
C GLY C 28 -35.71 -16.87 -10.62
N LYS C 29 -34.74 -16.79 -11.56
CA LYS C 29 -34.92 -17.36 -12.89
C LYS C 29 -33.91 -18.46 -13.20
N SER C 30 -33.13 -18.89 -12.21
CA SER C 30 -32.16 -19.95 -12.45
C SER C 30 -32.87 -21.31 -12.51
N ALA C 31 -32.11 -22.32 -12.95
CA ALA C 31 -32.67 -23.67 -13.03
C ALA C 31 -33.07 -24.22 -11.66
N GLU C 32 -32.50 -23.68 -10.58
CA GLU C 32 -32.84 -24.11 -9.23
C GLU C 32 -33.99 -23.29 -8.63
N ARG C 33 -34.81 -22.66 -9.46
CA ARG C 33 -35.87 -21.79 -8.95
C ARG C 33 -36.84 -22.57 -8.06
N GLU C 34 -37.27 -23.76 -8.52
CA GLU C 34 -38.22 -24.54 -7.75
C GLU C 34 -37.67 -24.89 -6.37
N VAL C 35 -36.37 -25.18 -6.29
CA VAL C 35 -35.76 -25.44 -4.99
C VAL C 35 -35.71 -24.18 -4.15
N SER C 36 -35.44 -23.03 -4.79
CA SER C 36 -35.39 -21.77 -4.06
C SER C 36 -36.75 -21.38 -3.50
N LEU C 37 -37.84 -21.76 -4.19
CA LEU C 37 -39.17 -21.47 -3.70
C LEU C 37 -39.44 -22.20 -2.38
N LYS C 38 -39.11 -23.50 -2.33
CA LYS C 38 -39.32 -24.26 -1.10
C LYS C 38 -38.39 -23.78 0.02
N SER C 39 -37.14 -23.44 -0.32
CA SER C 39 -36.25 -22.89 0.69
C SER C 39 -36.74 -21.53 1.18
N GLY C 40 -37.26 -20.70 0.27
CA GLY C 40 -37.79 -19.41 0.67
C GLY C 40 -39.03 -19.52 1.53
N ALA C 41 -39.90 -20.48 1.22
CA ALA C 41 -41.10 -20.69 2.04
C ALA C 41 -40.72 -21.15 3.44
N MET C 42 -39.70 -22.01 3.55
CA MET C 42 -39.26 -22.47 4.86
C MET C 42 -38.65 -21.33 5.67
N VAL C 43 -37.76 -20.56 5.06
CA VAL C 43 -37.10 -19.47 5.77
C VAL C 43 -38.12 -18.43 6.22
N LEU C 44 -39.04 -18.05 5.33
CA LEU C 44 -40.01 -17.02 5.67
C LEU C 44 -40.95 -17.48 6.78
N GLN C 45 -41.39 -18.73 6.72
CA GLN C 45 -42.27 -19.24 7.77
C GLN C 45 -41.56 -19.28 9.12
N SER C 46 -40.26 -19.61 9.12
CA SER C 46 -39.53 -19.70 10.37
C SER C 46 -39.29 -18.32 10.98
N LEU C 47 -38.85 -17.36 10.15
CA LEU C 47 -38.61 -16.01 10.63
C LEU C 47 -39.89 -15.38 11.17
N LEU C 48 -41.02 -15.61 10.49
CA LEU C 48 -42.30 -15.13 10.99
C LEU C 48 -42.65 -15.77 12.33
N ALA C 49 -42.50 -17.10 12.42
CA ALA C 49 -42.78 -17.80 13.67
C ALA C 49 -41.86 -17.36 14.80
N ALA C 50 -40.72 -16.76 14.48
CA ALA C 50 -39.81 -16.22 15.49
C ALA C 50 -40.13 -14.77 15.85
N GLY C 51 -41.06 -14.14 15.15
CA GLY C 51 -41.43 -12.77 15.42
C GLY C 51 -40.66 -11.72 14.64
N VAL C 52 -39.87 -12.12 13.65
CA VAL C 52 -39.11 -11.17 12.85
C VAL C 52 -40.05 -10.49 11.86
N ASP C 53 -39.83 -9.20 11.63
CA ASP C 53 -40.62 -8.45 10.65
C ASP C 53 -40.24 -8.89 9.24
N ALA C 54 -40.62 -10.12 8.88
CA ALA C 54 -40.17 -10.72 7.64
C ALA C 54 -41.27 -10.72 6.58
N PHE C 55 -40.84 -10.59 5.33
CA PHE C 55 -41.74 -10.73 4.19
C PHE C 55 -40.93 -11.28 3.03
N GLY C 56 -41.63 -11.90 2.08
CA GLY C 56 -41.00 -12.58 0.97
C GLY C 56 -41.06 -11.80 -0.33
N ILE C 57 -40.04 -12.00 -1.16
CA ILE C 57 -39.95 -11.40 -2.49
C ILE C 57 -39.54 -12.50 -3.46
N ASP C 58 -40.47 -12.91 -4.31
CA ASP C 58 -40.13 -13.78 -5.44
C ASP C 58 -39.34 -12.94 -6.44
N VAL C 59 -38.02 -13.11 -6.44
CA VAL C 59 -37.15 -12.28 -7.28
C VAL C 59 -37.49 -12.53 -8.74
N GLY C 60 -37.89 -11.48 -9.44
CA GLY C 60 -38.24 -11.56 -10.85
C GLY C 60 -37.90 -10.26 -11.55
N GLU C 61 -38.63 -9.98 -12.63
CA GLU C 61 -38.38 -8.77 -13.41
C GLU C 61 -38.77 -7.50 -12.67
N ASP C 62 -39.54 -7.62 -11.59
CA ASP C 62 -40.03 -6.47 -10.83
C ASP C 62 -39.18 -6.18 -9.60
N LEU C 63 -37.98 -6.75 -9.50
CA LEU C 63 -37.21 -6.69 -8.27
C LEU C 63 -36.85 -5.26 -7.91
N LEU C 64 -36.28 -4.50 -8.84
CA LEU C 64 -35.88 -3.14 -8.54
C LEU C 64 -37.08 -2.27 -8.17
N GLN C 65 -38.22 -2.51 -8.81
CA GLN C 65 -39.46 -1.85 -8.40
C GLN C 65 -39.82 -2.22 -6.97
N ARG C 66 -39.62 -3.49 -6.59
CA ARG C 66 -39.96 -3.93 -5.25
C ARG C 66 -39.04 -3.30 -4.21
N LEU C 67 -37.77 -3.15 -4.54
CA LEU C 67 -36.81 -2.63 -3.55
C LEU C 67 -37.06 -1.16 -3.27
N VAL C 68 -37.47 -0.39 -4.28
CA VAL C 68 -37.70 1.04 -4.04
C VAL C 68 -39.04 1.25 -3.34
N GLU C 69 -40.02 0.36 -3.56
CA GLU C 69 -41.32 0.50 -2.92
C GLU C 69 -41.26 0.06 -1.46
N GLU C 70 -40.91 -1.20 -1.21
CA GLU C 70 -40.89 -1.73 0.15
C GLU C 70 -39.74 -1.11 0.94
N LYS C 71 -39.94 -1.02 2.26
CA LYS C 71 -38.85 -0.71 3.16
C LYS C 71 -38.18 -2.01 3.59
N ILE C 72 -36.84 -2.02 3.54
CA ILE C 72 -36.07 -3.22 3.82
C ILE C 72 -34.89 -2.83 4.70
N ASP C 73 -34.79 -3.45 5.88
CA ASP C 73 -33.64 -3.28 6.74
C ASP C 73 -32.61 -4.40 6.57
N ARG C 74 -33.06 -5.62 6.36
CA ARG C 74 -32.19 -6.76 6.13
C ARG C 74 -32.68 -7.55 4.92
N ALA C 75 -31.74 -8.13 4.19
CA ALA C 75 -32.04 -9.05 3.10
C ALA C 75 -31.38 -10.38 3.41
N PHE C 76 -32.20 -11.41 3.63
CA PHE C 76 -31.73 -12.78 3.77
C PHE C 76 -31.81 -13.42 2.38
N ILE C 77 -30.66 -13.72 1.80
CA ILE C 77 -30.60 -14.31 0.46
C ILE C 77 -30.76 -15.81 0.59
N ILE C 78 -31.81 -16.36 -0.02
CA ILE C 78 -31.96 -17.81 -0.09
C ILE C 78 -32.27 -18.18 -1.55
N LEU C 79 -31.68 -17.43 -2.48
CA LEU C 79 -31.68 -17.79 -3.88
C LEU C 79 -30.66 -18.89 -4.12
N HIS C 80 -30.85 -19.63 -5.22
CA HIS C 80 -29.98 -20.75 -5.57
C HIS C 80 -29.55 -20.60 -7.02
N GLY C 81 -28.24 -20.68 -7.25
CA GLY C 81 -27.71 -20.64 -8.60
C GLY C 81 -27.33 -19.25 -9.04
N ARG C 82 -27.11 -19.14 -10.35
CA ARG C 82 -26.77 -17.85 -10.94
C ARG C 82 -27.90 -16.85 -10.73
N GLY C 83 -27.51 -15.59 -10.56
CA GLY C 83 -28.46 -14.56 -10.17
C GLY C 83 -28.72 -14.47 -8.69
N GLY C 84 -28.13 -15.36 -7.89
CA GLY C 84 -28.32 -15.34 -6.45
C GLY C 84 -27.07 -15.65 -5.66
N GLU C 85 -26.34 -16.69 -6.07
CA GLU C 85 -25.12 -17.10 -5.38
C GLU C 85 -23.85 -16.64 -6.09
N ASP C 86 -23.96 -15.92 -7.20
CA ASP C 86 -22.79 -15.62 -8.02
C ASP C 86 -22.27 -14.21 -7.83
N GLY C 87 -22.70 -13.51 -6.79
CA GLY C 87 -22.23 -12.17 -6.51
C GLY C 87 -23.04 -11.06 -7.16
N SER C 88 -23.93 -11.38 -8.10
CA SER C 88 -24.73 -10.35 -8.74
C SER C 88 -25.77 -9.78 -7.79
N MET C 89 -26.54 -10.66 -7.13
CA MET C 89 -27.48 -10.19 -6.12
C MET C 89 -26.77 -9.52 -4.96
N GLN C 90 -25.56 -9.99 -4.62
CA GLN C 90 -24.80 -9.36 -3.55
C GLN C 90 -24.39 -7.94 -3.92
N GLY C 91 -23.93 -7.75 -5.16
CA GLY C 91 -23.55 -6.42 -5.61
C GLY C 91 -24.72 -5.48 -5.73
N LEU C 92 -25.90 -6.00 -6.08
CA LEU C 92 -27.10 -5.17 -6.14
C LEU C 92 -27.46 -4.63 -4.77
N LEU C 93 -27.39 -5.48 -3.74
CA LEU C 93 -27.76 -5.05 -2.40
C LEU C 93 -26.74 -4.07 -1.81
N GLU C 94 -25.47 -4.20 -2.19
CA GLU C 94 -24.48 -3.23 -1.72
C GLU C 94 -24.68 -1.86 -2.37
N CYS C 95 -24.95 -1.85 -3.67
CA CYS C 95 -25.27 -0.58 -4.32
C CYS C 95 -26.57 0.02 -3.79
N ALA C 96 -27.48 -0.83 -3.31
CA ALA C 96 -28.72 -0.35 -2.70
C ALA C 96 -28.57 -0.01 -1.23
N GLY C 97 -27.40 -0.27 -0.63
CA GLY C 97 -27.21 0.03 0.77
C GLY C 97 -27.99 -0.82 1.72
N ILE C 98 -28.27 -2.07 1.36
CA ILE C 98 -29.05 -2.99 2.19
C ILE C 98 -28.10 -4.07 2.70
N PRO C 99 -27.93 -4.21 4.02
CA PRO C 99 -27.10 -5.31 4.54
C PRO C 99 -27.75 -6.65 4.26
N TYR C 100 -26.91 -7.65 3.99
CA TYR C 100 -27.39 -8.94 3.51
C TYR C 100 -26.60 -10.08 4.16
N THR C 101 -27.16 -11.28 4.05
CA THR C 101 -26.61 -12.48 4.66
C THR C 101 -25.69 -13.21 3.71
N GLY C 102 -24.79 -14.00 4.27
CA GLY C 102 -23.95 -14.87 3.48
C GLY C 102 -22.68 -14.21 2.99
N SER C 103 -22.07 -14.87 2.00
CA SER C 103 -20.78 -14.43 1.49
C SER C 103 -20.92 -13.16 0.65
N GLY C 104 -19.81 -12.43 0.53
CA GLY C 104 -19.78 -11.19 -0.22
C GLY C 104 -19.73 -11.42 -1.71
N VAL C 105 -19.48 -10.32 -2.44
CA VAL C 105 -19.52 -10.35 -3.89
C VAL C 105 -18.43 -11.26 -4.45
N LEU C 106 -17.18 -11.04 -4.03
CA LEU C 106 -16.06 -11.80 -4.58
C LEU C 106 -16.15 -13.28 -4.19
N ALA C 107 -16.49 -13.56 -2.93
CA ALA C 107 -16.57 -14.95 -2.49
C ALA C 107 -17.70 -15.69 -3.19
N SER C 108 -18.86 -15.03 -3.35
CA SER C 108 -19.98 -15.67 -4.02
C SER C 108 -19.67 -15.96 -5.49
N ALA C 109 -19.09 -14.97 -6.19
CA ALA C 109 -18.75 -15.18 -7.59
C ALA C 109 -17.73 -16.30 -7.77
N LEU C 110 -16.78 -16.40 -6.84
CA LEU C 110 -15.75 -17.43 -6.96
C LEU C 110 -16.32 -18.81 -6.68
N ALA C 111 -17.12 -18.94 -5.62
CA ALA C 111 -17.66 -20.24 -5.24
C ALA C 111 -18.72 -20.74 -6.22
N MET C 112 -19.38 -19.84 -6.96
CA MET C 112 -20.29 -20.28 -8.01
C MET C 112 -19.55 -20.95 -9.15
N ASP C 113 -18.32 -20.50 -9.43
CA ASP C 113 -17.52 -21.01 -10.54
C ASP C 113 -16.73 -22.21 -10.03
N LYS C 114 -17.21 -23.42 -10.35
CA LYS C 114 -16.53 -24.63 -9.87
C LYS C 114 -15.12 -24.72 -10.42
N LEU C 115 -14.92 -24.29 -11.66
CA LEU C 115 -13.59 -24.32 -12.27
C LEU C 115 -12.62 -23.41 -11.52
N ARG C 116 -13.01 -22.15 -11.31
CA ARG C 116 -12.14 -21.23 -10.59
C ARG C 116 -11.97 -21.66 -9.14
N THR C 117 -13.01 -22.23 -8.54
CA THR C 117 -12.92 -22.70 -7.16
C THR C 117 -11.91 -23.82 -7.01
N LYS C 118 -12.03 -24.86 -7.86
CA LYS C 118 -11.04 -25.93 -7.85
C LYS C 118 -9.64 -25.38 -8.11
N ARG C 119 -9.52 -24.46 -9.06
CA ARG C 119 -8.22 -23.92 -9.44
C ARG C 119 -7.59 -23.12 -8.30
N VAL C 120 -8.42 -22.46 -7.48
CA VAL C 120 -7.92 -21.81 -6.27
C VAL C 120 -7.46 -22.85 -5.27
N TRP C 121 -8.23 -23.92 -5.09
CA TRP C 121 -7.84 -24.98 -4.16
C TRP C 121 -6.51 -25.62 -4.55
N LEU C 122 -6.33 -25.89 -5.85
CA LEU C 122 -5.11 -26.55 -6.31
C LEU C 122 -3.88 -25.70 -6.02
N SER C 123 -3.98 -24.38 -6.24
CA SER C 123 -2.85 -23.49 -6.00
C SER C 123 -2.42 -23.48 -4.53
N LEU C 124 -3.30 -23.90 -3.62
CA LEU C 124 -2.98 -23.96 -2.21
C LEU C 124 -2.72 -25.39 -1.72
N GLY C 125 -2.60 -26.35 -2.63
CA GLY C 125 -2.36 -27.72 -2.23
C GLY C 125 -3.55 -28.41 -1.61
N LEU C 126 -4.76 -27.87 -1.79
CA LEU C 126 -5.93 -28.55 -1.27
C LEU C 126 -6.41 -29.61 -2.26
N PRO C 127 -6.89 -30.77 -1.77
CA PRO C 127 -7.25 -31.87 -2.68
C PRO C 127 -8.59 -31.65 -3.36
N THR C 128 -8.61 -31.81 -4.68
CA THR C 128 -9.82 -31.75 -5.46
C THR C 128 -9.59 -32.63 -6.68
N PRO C 129 -10.62 -33.33 -7.16
CA PRO C 129 -10.40 -34.35 -8.21
C PRO C 129 -9.77 -33.77 -9.47
N ASP C 130 -8.88 -34.55 -10.08
CA ASP C 130 -8.32 -34.19 -11.37
C ASP C 130 -9.46 -34.06 -12.39
N TYR C 131 -9.25 -33.17 -13.36
CA TYR C 131 -10.37 -32.70 -14.17
C TYR C 131 -9.87 -32.28 -15.55
N ALA C 132 -10.82 -31.88 -16.39
CA ALA C 132 -10.54 -31.27 -17.68
C ALA C 132 -11.68 -30.34 -18.03
N VAL C 133 -11.38 -29.36 -18.88
CA VAL C 133 -12.37 -28.43 -19.38
C VAL C 133 -12.87 -28.92 -20.74
N LEU C 134 -14.18 -29.00 -20.90
CA LEU C 134 -14.79 -29.54 -22.10
C LEU C 134 -15.40 -28.40 -22.91
N ALA C 135 -14.90 -28.21 -24.14
CA ALA C 135 -15.45 -27.22 -25.06
C ALA C 135 -15.64 -27.77 -26.47
N SER C 136 -15.24 -29.02 -26.72
CA SER C 136 -15.38 -29.62 -28.04
C SER C 136 -15.28 -31.14 -27.88
N GLU C 137 -15.58 -31.85 -28.97
CA GLU C 137 -15.43 -33.31 -28.95
C GLU C 137 -13.98 -33.71 -28.74
N ASP C 138 -13.04 -32.93 -29.27
CA ASP C 138 -11.62 -33.22 -29.05
C ASP C 138 -11.25 -33.06 -27.58
N ASP C 139 -11.87 -32.10 -26.89
CA ASP C 139 -11.65 -31.99 -25.45
C ASP C 139 -12.20 -33.20 -24.70
N CYS C 140 -13.30 -33.77 -25.19
CA CYS C 140 -13.81 -34.99 -24.59
C CYS C 140 -12.86 -36.15 -24.81
N ARG C 141 -12.37 -36.32 -26.04
CA ARG C 141 -11.40 -37.38 -26.33
C ARG C 141 -10.12 -37.19 -25.53
N GLU C 142 -9.68 -35.94 -25.35
CA GLU C 142 -8.48 -35.69 -24.56
C GLU C 142 -8.70 -36.04 -23.10
N ALA C 143 -9.87 -35.67 -22.55
CA ALA C 143 -10.16 -35.98 -21.16
C ALA C 143 -10.27 -37.48 -20.94
N ALA C 144 -10.85 -38.20 -21.90
CA ALA C 144 -10.98 -39.64 -21.78
C ALA C 144 -9.62 -40.32 -21.78
N GLN C 145 -8.72 -39.90 -22.68
CA GLN C 145 -7.40 -40.52 -22.76
C GLN C 145 -6.59 -40.27 -21.48
N ARG C 146 -6.76 -39.10 -20.87
CA ARG C 146 -5.94 -38.74 -19.72
C ARG C 146 -6.55 -39.17 -18.38
N LEU C 147 -7.87 -39.17 -18.27
CA LEU C 147 -8.52 -39.41 -16.98
C LEU C 147 -9.14 -40.80 -16.85
N GLY C 148 -9.39 -41.49 -17.95
CA GLY C 148 -10.02 -42.79 -17.81
C GLY C 148 -11.50 -42.67 -17.51
N PHE C 149 -12.06 -43.77 -16.99
CA PHE C 149 -13.47 -43.86 -16.68
C PHE C 149 -13.65 -44.60 -15.36
N PRO C 150 -14.77 -44.36 -14.65
CA PRO C 150 -15.86 -43.45 -15.00
C PRO C 150 -15.53 -41.98 -14.72
N LEU C 151 -16.39 -41.08 -15.20
CA LEU C 151 -16.18 -39.64 -15.06
C LEU C 151 -17.48 -38.99 -14.63
N ILE C 152 -17.36 -37.77 -14.09
CA ILE C 152 -18.50 -36.95 -13.71
C ILE C 152 -18.46 -35.68 -14.54
N VAL C 153 -19.50 -35.44 -15.33
CA VAL C 153 -19.65 -34.23 -16.12
C VAL C 153 -20.59 -33.29 -15.40
N LYS C 154 -20.23 -32.01 -15.34
CA LYS C 154 -21.06 -31.02 -14.66
C LYS C 154 -20.88 -29.63 -15.25
N PRO C 155 -21.93 -28.83 -15.33
CA PRO C 155 -21.75 -27.41 -15.68
C PRO C 155 -21.01 -26.69 -14.57
N ALA C 156 -20.23 -25.68 -14.95
CA ALA C 156 -19.36 -25.02 -13.98
C ALA C 156 -20.15 -24.16 -13.00
N HIS C 157 -21.33 -23.66 -13.39
CA HIS C 157 -22.06 -22.69 -12.59
C HIS C 157 -23.44 -23.18 -12.16
N GLU C 158 -23.61 -24.49 -11.98
CA GLU C 158 -24.92 -25.03 -11.64
C GLU C 158 -24.94 -25.56 -10.21
N GLY C 159 -26.12 -26.02 -9.80
CA GLY C 159 -26.32 -26.64 -8.50
C GLY C 159 -27.43 -27.67 -8.59
N SER C 160 -27.72 -28.29 -7.45
CA SER C 160 -28.77 -29.32 -7.34
C SER C 160 -28.56 -30.46 -8.34
N SER C 161 -27.31 -30.74 -8.67
CA SER C 161 -26.95 -31.82 -9.60
C SER C 161 -27.60 -31.63 -10.97
N ILE C 162 -27.94 -30.39 -11.32
CA ILE C 162 -28.62 -30.11 -12.58
C ILE C 162 -27.60 -30.11 -13.70
N GLY C 163 -27.91 -30.80 -14.79
CA GLY C 163 -27.02 -30.90 -15.93
C GLY C 163 -25.85 -31.82 -15.74
N MET C 164 -25.87 -32.68 -14.72
CA MET C 164 -24.76 -33.56 -14.40
C MET C 164 -25.04 -34.98 -14.89
N ALA C 165 -23.96 -35.75 -15.02
CA ALA C 165 -24.06 -37.13 -15.49
C ALA C 165 -22.79 -37.88 -15.15
N LYS C 166 -22.95 -39.11 -14.67
CA LYS C 166 -21.85 -40.05 -14.56
C LYS C 166 -21.74 -40.80 -15.89
N VAL C 167 -20.52 -40.85 -16.44
CA VAL C 167 -20.30 -41.43 -17.76
C VAL C 167 -19.22 -42.50 -17.65
N GLY C 168 -19.40 -43.59 -18.40
CA GLY C 168 -18.45 -44.69 -18.38
C GLY C 168 -17.77 -44.93 -19.72
N GLY C 169 -18.17 -44.17 -20.74
CA GLY C 169 -17.60 -44.32 -22.06
C GLY C 169 -17.48 -42.97 -22.75
N LEU C 170 -16.71 -42.97 -23.84
CA LEU C 170 -16.50 -41.73 -24.60
C LEU C 170 -17.79 -41.23 -25.22
N ASP C 171 -18.64 -42.15 -25.68
CA ASP C 171 -19.91 -41.73 -26.27
C ASP C 171 -20.84 -41.13 -25.21
N GLU C 172 -20.88 -41.71 -24.02
CA GLU C 172 -21.64 -41.10 -22.94
C GLU C 172 -21.03 -39.76 -22.52
N LEU C 173 -19.71 -39.64 -22.60
CA LEU C 173 -19.04 -38.40 -22.23
C LEU C 173 -19.41 -37.28 -23.20
N ILE C 174 -19.36 -37.55 -24.50
CA ILE C 174 -19.70 -36.54 -25.49
C ILE C 174 -21.15 -36.10 -25.33
N ALA C 175 -22.05 -37.06 -25.12
CA ALA C 175 -23.46 -36.72 -24.94
C ALA C 175 -23.67 -35.90 -23.66
N ALA C 176 -23.03 -36.32 -22.57
CA ALA C 176 -23.16 -35.58 -21.31
C ALA C 176 -22.54 -34.20 -21.41
N TRP C 177 -21.50 -34.03 -22.22
CA TRP C 177 -20.94 -32.71 -22.42
C TRP C 177 -21.91 -31.80 -23.15
N ARG C 178 -22.56 -32.31 -24.19
CA ARG C 178 -23.53 -31.50 -24.93
C ARG C 178 -24.75 -31.17 -24.08
N GLU C 179 -25.11 -32.06 -23.15
CA GLU C 179 -26.26 -31.78 -22.29
C GLU C 179 -25.93 -30.73 -21.24
N ALA C 180 -24.75 -30.80 -20.63
CA ALA C 180 -24.36 -29.77 -19.67
C ALA C 180 -24.14 -28.44 -20.35
N ALA C 181 -23.73 -28.45 -21.62
CA ALA C 181 -23.53 -27.19 -22.35
C ALA C 181 -24.82 -26.44 -22.59
N ARG C 182 -25.97 -27.11 -22.48
CA ARG C 182 -27.25 -26.41 -22.59
C ARG C 182 -27.51 -25.50 -21.40
N TYR C 183 -26.87 -25.77 -20.26
CA TYR C 183 -26.99 -24.93 -19.08
C TYR C 183 -25.86 -23.93 -18.92
N ASP C 184 -24.68 -24.23 -19.47
CA ASP C 184 -23.50 -23.42 -19.23
C ASP C 184 -22.47 -23.72 -20.32
N SER C 185 -21.95 -22.67 -20.95
CA SER C 185 -20.86 -22.86 -21.90
C SER C 185 -19.61 -23.40 -21.21
N GLN C 186 -19.45 -23.10 -19.93
CA GLN C 186 -18.35 -23.64 -19.14
C GLN C 186 -18.76 -25.03 -18.63
N VAL C 187 -18.06 -26.06 -19.10
CA VAL C 187 -18.33 -27.44 -18.72
C VAL C 187 -17.02 -28.09 -18.29
N LEU C 188 -17.03 -28.74 -17.13
CA LEU C 188 -15.88 -29.49 -16.65
C LEU C 188 -16.26 -30.95 -16.45
N VAL C 189 -15.24 -31.80 -16.43
CA VAL C 189 -15.40 -33.23 -16.19
C VAL C 189 -14.38 -33.65 -15.15
N GLU C 190 -14.83 -34.38 -14.13
CA GLU C 190 -13.98 -34.81 -13.03
C GLU C 190 -13.81 -36.32 -13.03
N GLN C 191 -12.66 -36.76 -12.51
CA GLN C 191 -12.47 -38.18 -12.26
C GLN C 191 -13.43 -38.65 -11.16
N TRP C 192 -14.00 -39.83 -11.38
CA TRP C 192 -14.97 -40.38 -10.44
C TRP C 192 -14.28 -40.85 -9.17
N ILE C 193 -14.62 -40.24 -8.04
CA ILE C 193 -14.13 -40.67 -6.73
C ILE C 193 -15.11 -41.69 -6.18
N SER C 194 -14.60 -42.89 -5.88
CA SER C 194 -15.44 -43.99 -5.42
C SER C 194 -15.28 -44.17 -3.92
N GLY C 195 -16.37 -43.95 -3.19
CA GLY C 195 -16.37 -44.12 -1.75
C GLY C 195 -17.45 -43.30 -1.06
N PRO C 196 -17.30 -43.11 0.24
CA PRO C 196 -18.31 -42.39 1.00
C PRO C 196 -18.36 -40.91 0.61
N GLU C 197 -19.57 -40.35 0.66
CA GLU C 197 -19.80 -38.94 0.40
C GLU C 197 -20.14 -38.24 1.70
N PHE C 198 -19.49 -37.10 1.94
CA PHE C 198 -19.74 -36.28 3.12
C PHE C 198 -20.08 -34.87 2.69
N THR C 199 -20.90 -34.20 3.50
CA THR C 199 -21.17 -32.79 3.33
C THR C 199 -20.96 -32.12 4.68
N VAL C 200 -20.35 -30.93 4.65
CA VAL C 200 -19.90 -30.26 5.87
C VAL C 200 -20.39 -28.82 5.83
N ALA C 201 -21.33 -28.48 6.70
CA ALA C 201 -21.83 -27.12 6.78
C ALA C 201 -20.94 -26.28 7.70
N THR C 202 -20.88 -24.98 7.38
CA THR C 202 -20.19 -24.01 8.22
C THR C 202 -21.14 -22.87 8.53
N LEU C 203 -21.01 -22.30 9.73
CA LEU C 203 -21.94 -21.29 10.21
C LEU C 203 -21.21 -20.36 11.17
N ARG C 204 -21.14 -19.07 10.80
CA ARG C 204 -20.50 -18.05 11.62
C ARG C 204 -19.05 -18.40 11.91
N GLY C 205 -18.37 -19.01 10.93
CA GLY C 205 -16.99 -19.43 11.11
C GLY C 205 -16.81 -20.75 11.80
N GLN C 206 -17.89 -21.37 12.28
CA GLN C 206 -17.82 -22.67 12.94
C GLN C 206 -18.18 -23.78 11.97
N VAL C 207 -17.54 -24.93 12.13
CA VAL C 207 -17.76 -26.08 11.28
C VAL C 207 -18.74 -27.02 11.99
N LEU C 208 -19.88 -27.27 11.35
CA LEU C 208 -20.93 -28.08 11.95
C LEU C 208 -20.64 -29.57 11.74
N PRO C 209 -21.29 -30.45 12.51
CA PRO C 209 -21.04 -31.88 12.36
C PRO C 209 -21.28 -32.37 10.94
N ALA C 210 -20.36 -33.19 10.45
CA ALA C 210 -20.43 -33.69 9.08
C ALA C 210 -21.56 -34.71 8.93
N ILE C 211 -22.10 -34.78 7.71
CA ILE C 211 -23.18 -35.69 7.38
C ILE C 211 -22.69 -36.66 6.31
N ARG C 212 -22.94 -37.95 6.51
CA ARG C 212 -22.63 -38.97 5.51
C ARG C 212 -23.84 -39.20 4.63
N LEU C 213 -23.63 -39.17 3.31
CA LEU C 213 -24.71 -39.26 2.34
C LEU C 213 -24.64 -40.59 1.60
N GLY C 214 -25.82 -41.15 1.30
CA GLY C 214 -25.92 -42.38 0.54
C GLY C 214 -27.20 -42.47 -0.24
N THR C 215 -27.14 -43.03 -1.45
CA THR C 215 -28.33 -43.19 -2.27
C THR C 215 -28.14 -44.40 -3.16
N PRO C 216 -29.21 -45.16 -3.45
CA PRO C 216 -29.08 -46.22 -4.45
C PRO C 216 -28.85 -45.70 -5.86
N HIS C 217 -29.12 -44.41 -6.11
CA HIS C 217 -28.90 -43.84 -7.43
C HIS C 217 -27.40 -43.85 -7.75
N THR C 218 -27.08 -43.61 -9.04
CA THR C 218 -25.69 -43.61 -9.47
C THR C 218 -24.87 -42.56 -8.74
N PHE C 219 -25.50 -41.43 -8.40
CA PHE C 219 -24.88 -40.41 -7.56
C PHE C 219 -25.97 -39.57 -6.92
N TYR C 220 -25.57 -38.70 -6.00
CA TYR C 220 -26.49 -37.81 -5.28
C TYR C 220 -27.04 -36.79 -6.27
N ASP C 221 -28.04 -37.21 -7.04
CA ASP C 221 -28.58 -36.41 -8.12
C ASP C 221 -29.80 -35.62 -7.65
N TYR C 222 -30.46 -34.93 -8.59
CA TYR C 222 -31.62 -34.11 -8.28
C TYR C 222 -32.72 -34.94 -7.63
N ASP C 223 -33.02 -36.11 -8.21
CA ASP C 223 -34.08 -36.95 -7.67
C ASP C 223 -33.78 -37.40 -6.26
N ALA C 224 -32.53 -37.82 -5.99
CA ALA C 224 -32.16 -38.27 -4.66
C ALA C 224 -32.19 -37.14 -3.65
N LYS C 225 -32.00 -35.90 -4.09
CA LYS C 225 -31.91 -34.78 -3.17
C LYS C 225 -33.28 -34.30 -2.71
N TYR C 226 -34.25 -34.21 -3.63
CA TYR C 226 -35.52 -33.58 -3.34
C TYR C 226 -36.75 -34.46 -3.59
N LEU C 227 -36.66 -35.45 -4.46
CA LEU C 227 -37.81 -36.27 -4.85
C LEU C 227 -37.82 -37.65 -4.20
N ALA C 228 -36.68 -38.34 -4.21
CA ALA C 228 -36.63 -39.71 -3.72
C ALA C 228 -36.87 -39.77 -2.21
N SER C 229 -37.14 -40.99 -1.74
CA SER C 229 -37.34 -41.25 -0.32
C SER C 229 -36.36 -42.26 0.26
N ASP C 230 -35.57 -42.94 -0.57
CA ASP C 230 -34.61 -43.93 -0.13
C ASP C 230 -33.21 -43.34 0.05
N THR C 231 -33.10 -42.03 0.20
CA THR C 231 -31.81 -41.39 0.44
C THR C 231 -31.41 -41.55 1.90
N ARG C 232 -30.13 -41.86 2.12
CA ARG C 232 -29.62 -42.18 3.45
C ARG C 232 -28.80 -41.02 4.00
N TYR C 233 -29.12 -40.59 5.22
CA TYR C 233 -28.39 -39.55 5.92
C TYR C 233 -27.94 -40.09 7.27
N GLN C 234 -26.65 -39.99 7.56
CA GLN C 234 -26.07 -40.57 8.76
C GLN C 234 -25.38 -39.48 9.58
N VAL C 235 -26.02 -39.07 10.66
CA VAL C 235 -25.46 -38.14 11.63
C VAL C 235 -25.51 -38.82 13.00
N PRO C 236 -24.37 -39.06 13.67
CA PRO C 236 -23.01 -38.68 13.26
C PRO C 236 -22.48 -39.49 12.07
N CYS C 237 -21.60 -38.89 11.28
CA CYS C 237 -20.91 -39.67 10.25
C CYS C 237 -20.01 -40.70 10.91
N GLY C 238 -19.80 -41.81 10.22
CA GLY C 238 -19.04 -42.91 10.79
C GLY C 238 -17.56 -42.69 10.99
N LEU C 239 -17.05 -41.47 10.80
CA LEU C 239 -15.62 -41.24 10.92
C LEU C 239 -15.18 -41.25 12.38
N ASP C 240 -13.92 -41.63 12.60
CA ASP C 240 -13.33 -41.57 13.92
C ASP C 240 -12.94 -40.13 14.25
N GLU C 241 -12.48 -39.93 15.50
CA GLU C 241 -12.19 -38.57 15.97
C GLU C 241 -11.12 -37.89 15.10
N ALA C 242 -10.00 -38.57 14.89
CA ALA C 242 -8.92 -37.97 14.10
C ALA C 242 -9.35 -37.73 12.65
N LYS C 243 -10.30 -38.52 12.16
CA LYS C 243 -10.71 -38.39 10.76
C LYS C 243 -11.73 -37.29 10.58
N GLU C 244 -12.68 -37.16 11.51
CA GLU C 244 -13.64 -36.06 11.44
C GLU C 244 -12.96 -34.73 11.71
N ARG C 245 -11.97 -34.70 12.59
CA ARG C 245 -11.19 -33.47 12.77
C ARG C 245 -10.45 -33.11 11.48
N GLU C 246 -9.93 -34.12 10.77
CA GLU C 246 -9.27 -33.85 9.50
C GLU C 246 -10.25 -33.28 8.48
N LEU C 247 -11.47 -33.83 8.44
CA LEU C 247 -12.47 -33.33 7.51
C LEU C 247 -12.91 -31.90 7.87
N LYS C 248 -13.03 -31.60 9.16
CA LYS C 248 -13.47 -30.27 9.57
C LYS C 248 -12.37 -29.24 9.32
N GLU C 249 -11.11 -29.61 9.53
CA GLU C 249 -10.01 -28.69 9.23
C GLU C 249 -9.90 -28.45 7.72
N LEU C 250 -10.12 -29.50 6.92
CA LEU C 250 -10.10 -29.35 5.47
C LEU C 250 -11.22 -28.44 4.99
N THR C 251 -12.41 -28.57 5.58
CA THR C 251 -13.52 -27.71 5.22
C THR C 251 -13.21 -26.25 5.55
N ALA C 252 -12.59 -26.01 6.71
CA ALA C 252 -12.25 -24.64 7.10
C ALA C 252 -11.23 -24.03 6.16
N ARG C 253 -10.21 -24.80 5.76
CA ARG C 253 -9.23 -24.28 4.82
C ARG C 253 -9.84 -24.07 3.44
N ALA C 254 -10.77 -24.96 3.03
CA ALA C 254 -11.38 -24.82 1.71
C ALA C 254 -12.30 -23.61 1.65
N CYS C 255 -13.05 -23.35 2.73
CA CYS C 255 -13.92 -22.19 2.75
C CYS C 255 -13.14 -20.89 2.91
N ASP C 256 -12.14 -20.87 3.79
CA ASP C 256 -11.34 -19.67 3.95
C ASP C 256 -10.60 -19.32 2.66
N ALA C 257 -10.23 -20.31 1.87
CA ALA C 257 -9.55 -20.05 0.61
C ALA C 257 -10.44 -19.30 -0.37
N LEU C 258 -11.75 -19.35 -0.20
CA LEU C 258 -12.69 -18.69 -1.10
C LEU C 258 -13.26 -17.39 -0.52
N GLY C 259 -12.98 -17.09 0.75
CA GLY C 259 -13.55 -15.92 1.37
C GLY C 259 -14.96 -16.10 1.87
N ILE C 260 -15.38 -17.35 2.11
CA ILE C 260 -16.76 -17.62 2.53
C ILE C 260 -17.06 -16.93 3.85
N GLN C 261 -18.25 -16.33 3.95
CA GLN C 261 -18.68 -15.60 5.13
C GLN C 261 -20.08 -16.03 5.54
N GLY C 262 -20.35 -15.93 6.83
CA GLY C 262 -21.69 -16.16 7.35
C GLY C 262 -22.04 -17.64 7.46
N TRP C 263 -22.26 -18.29 6.33
CA TRP C 263 -22.57 -19.72 6.33
C TRP C 263 -22.28 -20.28 4.96
N GLY C 264 -22.28 -21.61 4.89
CA GLY C 264 -22.01 -22.30 3.64
C GLY C 264 -22.00 -23.80 3.87
N ARG C 265 -21.80 -24.54 2.78
CA ARG C 265 -21.76 -25.99 2.85
C ARG C 265 -20.77 -26.51 1.83
N ALA C 266 -19.88 -27.40 2.27
CA ALA C 266 -18.92 -28.04 1.40
C ALA C 266 -19.32 -29.49 1.15
N ASP C 267 -19.07 -29.98 -0.06
CA ASP C 267 -19.35 -31.35 -0.44
C ASP C 267 -18.03 -32.06 -0.71
N VAL C 268 -17.80 -33.18 -0.05
CA VAL C 268 -16.51 -33.85 -0.03
C VAL C 268 -16.71 -35.34 -0.25
N MET C 269 -15.91 -35.93 -1.14
CA MET C 269 -15.86 -37.37 -1.35
C MET C 269 -14.62 -37.95 -0.66
N GLN C 270 -14.69 -39.23 -0.36
CA GLN C 270 -13.57 -39.98 0.20
C GLN C 270 -13.37 -41.24 -0.62
N ASP C 271 -12.11 -41.58 -0.91
CA ASP C 271 -11.80 -42.73 -1.74
C ASP C 271 -11.47 -43.94 -0.86
N ALA C 272 -11.18 -45.07 -1.52
CA ALA C 272 -10.93 -46.31 -0.81
C ALA C 272 -9.71 -46.26 0.10
N GLU C 273 -8.82 -45.28 -0.11
CA GLU C 273 -7.63 -45.13 0.71
C GLU C 273 -7.79 -44.06 1.79
N GLY C 274 -9.02 -43.56 1.99
CA GLY C 274 -9.30 -42.63 3.05
C GLY C 274 -9.06 -41.17 2.75
N ARG C 275 -8.50 -40.85 1.59
CA ARG C 275 -8.22 -39.47 1.23
C ARG C 275 -9.50 -38.72 0.89
N PHE C 276 -9.61 -37.49 1.36
CA PHE C 276 -10.75 -36.62 1.07
C PHE C 276 -10.50 -35.80 -0.19
N TRP C 277 -11.60 -35.54 -0.92
CA TRP C 277 -11.55 -34.79 -2.17
C TRP C 277 -12.64 -33.73 -2.15
N LEU C 278 -12.26 -32.47 -2.31
CA LEU C 278 -13.22 -31.38 -2.29
C LEU C 278 -13.92 -31.26 -3.63
N LEU C 279 -15.26 -31.24 -3.61
CA LEU C 279 -16.06 -31.07 -4.82
C LEU C 279 -16.43 -29.62 -5.07
N GLU C 280 -17.08 -28.97 -4.10
CA GLU C 280 -17.59 -27.62 -4.29
C GLU C 280 -17.93 -27.03 -2.93
N VAL C 281 -18.28 -25.74 -2.95
CA VAL C 281 -18.81 -25.03 -1.79
C VAL C 281 -20.03 -24.24 -2.24
N ASN C 282 -21.12 -24.35 -1.49
CA ASN C 282 -22.34 -23.60 -1.77
C ASN C 282 -22.46 -22.46 -0.77
N THR C 283 -22.71 -21.26 -1.28
CA THR C 283 -22.77 -20.07 -0.44
C THR C 283 -24.20 -19.66 -0.07
N ALA C 284 -25.21 -20.24 -0.70
CA ALA C 284 -26.60 -20.08 -0.27
C ALA C 284 -27.26 -21.45 -0.31
N PRO C 285 -26.90 -22.33 0.63
CA PRO C 285 -27.37 -23.72 0.56
C PRO C 285 -28.88 -23.82 0.74
N GLY C 286 -29.44 -24.90 0.21
CA GLY C 286 -30.88 -25.10 0.29
C GLY C 286 -31.36 -25.19 1.72
N MET C 287 -32.62 -24.81 1.92
CA MET C 287 -33.24 -24.82 3.25
C MET C 287 -34.60 -25.49 3.23
N THR C 288 -34.78 -26.48 2.36
CA THR C 288 -36.03 -27.21 2.27
C THR C 288 -36.12 -28.23 3.43
N ASP C 289 -37.16 -29.06 3.42
CA ASP C 289 -37.23 -30.15 4.38
C ASP C 289 -36.10 -31.15 4.15
N HIS C 290 -35.85 -31.50 2.89
CA HIS C 290 -34.81 -32.46 2.53
C HIS C 290 -33.40 -31.90 2.68
N SER C 291 -33.26 -30.61 2.97
CA SER C 291 -31.97 -29.95 2.86
C SER C 291 -31.01 -30.37 3.97
N LEU C 292 -29.73 -30.16 3.71
CA LEU C 292 -28.63 -30.69 4.52
C LEU C 292 -28.18 -29.72 5.62
N VAL C 293 -28.08 -28.43 5.33
CA VAL C 293 -27.66 -27.47 6.36
C VAL C 293 -28.61 -27.47 7.54
N PRO C 294 -29.94 -27.47 7.38
CA PRO C 294 -30.81 -27.64 8.56
C PRO C 294 -30.55 -28.94 9.29
N MET C 295 -30.17 -29.99 8.57
CA MET C 295 -29.90 -31.28 9.19
C MET C 295 -28.65 -31.21 10.08
N ALA C 296 -27.56 -30.63 9.55
CA ALA C 296 -26.34 -30.50 10.34
C ALA C 296 -26.50 -29.51 11.49
N ALA C 297 -27.44 -28.57 11.38
CA ALA C 297 -27.67 -27.64 12.47
C ALA C 297 -28.40 -28.33 13.63
N ARG C 298 -29.31 -29.25 13.32
CA ARG C 298 -29.96 -30.02 14.39
C ARG C 298 -28.95 -30.88 15.13
N ALA C 299 -27.98 -31.46 14.40
CA ALA C 299 -26.93 -32.22 15.05
C ALA C 299 -26.08 -31.33 15.94
N ALA C 300 -25.82 -30.10 15.52
CA ALA C 300 -25.05 -29.17 16.34
C ALA C 300 -25.82 -28.78 17.59
N GLY C 301 -27.14 -28.68 17.50
CA GLY C 301 -27.98 -28.33 18.64
C GLY C 301 -28.91 -27.17 18.38
N LEU C 302 -29.07 -26.79 17.12
CA LEU C 302 -29.91 -25.67 16.73
C LEU C 302 -31.12 -26.18 15.94
N ASP C 303 -32.29 -25.61 16.21
CA ASP C 303 -33.45 -25.90 15.38
C ASP C 303 -33.48 -24.95 14.20
N PHE C 304 -34.46 -25.14 13.31
CA PHE C 304 -34.52 -24.33 12.09
C PHE C 304 -34.72 -22.87 12.39
N GLN C 305 -35.36 -22.54 13.52
CA GLN C 305 -35.57 -21.14 13.88
C GLN C 305 -34.28 -20.49 14.33
N GLN C 306 -33.53 -21.16 15.22
CA GLN C 306 -32.26 -20.62 15.67
C GLN C 306 -31.21 -20.58 14.57
N LEU C 307 -31.39 -21.38 13.51
CA LEU C 307 -30.42 -21.41 12.41
C LEU C 307 -30.55 -20.16 11.54
N VAL C 308 -31.77 -19.82 11.14
CA VAL C 308 -31.96 -18.63 10.30
C VAL C 308 -31.68 -17.36 11.10
N LEU C 309 -31.96 -17.37 12.40
CA LEU C 309 -31.67 -16.20 13.23
C LEU C 309 -30.17 -15.99 13.38
N ALA C 310 -29.40 -17.08 13.48
CA ALA C 310 -27.95 -16.96 13.55
C ALA C 310 -27.38 -16.45 12.23
N ILE C 311 -27.91 -16.95 11.10
CA ILE C 311 -27.51 -16.43 9.79
C ILE C 311 -27.82 -14.94 9.71
N LEU C 312 -29.03 -14.56 10.10
CA LEU C 312 -29.43 -13.16 10.06
C LEU C 312 -28.57 -12.31 10.98
N ALA C 313 -28.27 -12.83 12.18
CA ALA C 313 -27.49 -12.07 13.15
C ALA C 313 -26.05 -11.88 12.71
N ASP C 314 -25.52 -12.80 11.90
CA ASP C 314 -24.16 -12.64 11.41
C ASP C 314 -24.04 -11.51 10.41
N SER C 315 -25.11 -11.24 9.65
CA SER C 315 -25.07 -10.18 8.65
C SER C 315 -24.86 -8.80 9.26
N ARG C 316 -24.95 -8.67 10.59
CA ARG C 316 -24.74 -7.38 11.24
C ARG C 316 -23.28 -6.93 11.25
N GLU C 317 -22.37 -7.73 10.72
CA GLU C 317 -21.00 -7.27 10.52
C GLU C 317 -20.54 -7.57 9.09
#